data_6IJ2
#
_entry.id   6IJ2
#
_cell.length_a   73.483
_cell.length_b   42.711
_cell.length_c   158.470
_cell.angle_alpha   90.000
_cell.angle_beta   94.940
_cell.angle_gamma   90.000
#
_symmetry.space_group_name_H-M   'P 1 21 1'
#
loop_
_entity.id
_entity.type
_entity.pdbx_description
1 polymer 'EAL domain protein'
2 polymer "RNA (5'-R(P*GP*G)-3')"
3 non-polymer 'CALCIUM ION'
4 water water
#
loop_
_entity_poly.entity_id
_entity_poly.type
_entity_poly.pdbx_seq_one_letter_code
_entity_poly.pdbx_strand_id
1 'polypeptide(L)'
;MHIIPVASDPKTCSSGVNENSLDFDFTMAFQPIVNCRTKEIFGYEALVRGLNNESAYSVISRVNEDNRYLFDQMCRVKAI
ALAAKLGLTSKLSINFLPNAIYVPERCIRTTLEAAKRYQFPIENIMFEFTEAERVEDVNHIKRIVEYYKSLGFQTAIDDF
GSGYSGLNLLADFQTNIVKVDMGLIRNIHADQVRQSIMKNCLKLFSDLNIQPLAEGVESHAEFAWLKAAGVELMQGYYFA
KPGFESLPSVNPEFSEA
;
A,B,C,D
2 'polyribonucleotide' GG E,F,G,H
#
loop_
_chem_comp.id
_chem_comp.type
_chem_comp.name
_chem_comp.formula
CA non-polymer 'CALCIUM ION' 'Ca 2'
G RNA linking GUANOSINE-5'-MONOPHOSPHATE 'C10 H14 N5 O8 P'
#
# COMPACT_ATOMS: atom_id res chain seq x y z
N LEU A 22 -4.88 31.50 -35.28
CA LEU A 22 -4.83 30.19 -35.92
C LEU A 22 -5.69 30.16 -37.17
N ASP A 23 -5.30 29.36 -38.16
CA ASP A 23 -6.07 29.21 -39.39
C ASP A 23 -7.18 28.17 -39.25
N PHE A 24 -7.35 27.59 -38.06
CA PHE A 24 -8.43 26.66 -37.79
C PHE A 24 -8.99 26.98 -36.41
N ASP A 25 -10.21 26.55 -36.18
CA ASP A 25 -10.88 26.71 -34.89
C ASP A 25 -11.26 25.30 -34.39
N PHE A 26 -11.67 25.20 -33.14
CA PHE A 26 -11.98 23.93 -32.49
C PHE A 26 -12.65 24.25 -31.16
N THR A 27 -13.10 23.20 -30.47
CA THR A 27 -13.71 23.38 -29.16
C THR A 27 -13.33 22.17 -28.31
N MET A 28 -14.07 21.95 -27.23
CA MET A 28 -13.73 20.92 -26.26
C MET A 28 -14.89 19.98 -26.02
N ALA A 29 -14.53 18.72 -25.77
CA ALA A 29 -15.37 17.73 -25.11
C ALA A 29 -14.85 17.53 -23.70
N PHE A 30 -15.67 16.92 -22.86
CA PHE A 30 -15.32 16.71 -21.45
C PHE A 30 -15.68 15.28 -21.07
N GLN A 31 -14.78 14.62 -20.34
CA GLN A 31 -15.04 13.26 -19.90
C GLN A 31 -14.88 13.20 -18.39
N PRO A 32 -15.87 12.67 -17.67
CA PRO A 32 -15.80 12.70 -16.19
C PRO A 32 -14.79 11.70 -15.62
N ILE A 33 -14.19 12.11 -14.50
CA ILE A 33 -13.39 11.27 -13.64
C ILE A 33 -14.23 11.02 -12.40
N VAL A 34 -14.42 9.75 -12.04
CA VAL A 34 -15.38 9.37 -10.99
C VAL A 34 -14.60 8.90 -9.78
N ASN A 35 -15.00 9.37 -8.60
CA ASN A 35 -14.54 8.77 -7.35
C ASN A 35 -15.45 7.59 -7.05
N CYS A 36 -14.93 6.38 -7.21
CA CYS A 36 -15.74 5.16 -7.10
C CYS A 36 -16.12 4.82 -5.66
N ARG A 37 -15.48 5.44 -4.68
CA ARG A 37 -15.87 5.21 -3.30
C ARG A 37 -17.07 6.07 -2.92
N THR A 38 -17.00 7.39 -3.19
CA THR A 38 -18.07 8.32 -2.84
C THR A 38 -19.15 8.42 -3.91
N LYS A 39 -18.87 7.93 -5.12
CA LYS A 39 -19.74 7.99 -6.28
C LYS A 39 -19.94 9.42 -6.77
N GLU A 40 -19.11 10.33 -6.33
CA GLU A 40 -19.12 11.70 -6.80
C GLU A 40 -18.14 11.89 -7.96
N ILE A 41 -18.40 12.92 -8.75
CA ILE A 41 -17.51 13.24 -9.85
C ILE A 41 -16.33 14.06 -9.30
N PHE A 42 -15.12 13.55 -9.55
CA PHE A 42 -13.90 14.23 -9.13
C PHE A 42 -13.61 15.43 -10.04
N GLY A 43 -13.90 15.28 -11.33
CA GLY A 43 -13.64 16.33 -12.29
C GLY A 43 -13.88 15.83 -13.70
N TYR A 44 -13.43 16.62 -14.68
CA TYR A 44 -13.56 16.28 -16.09
C TYR A 44 -12.26 16.58 -16.82
N GLU A 45 -11.86 15.69 -17.73
CA GLU A 45 -10.75 15.95 -18.61
C GLU A 45 -11.27 16.66 -19.86
N ALA A 46 -10.64 17.77 -20.22
CA ALA A 46 -10.96 18.49 -21.45
C ALA A 46 -10.21 17.87 -22.62
N LEU A 47 -10.93 17.63 -23.72
CA LEU A 47 -10.39 16.93 -24.89
C LEU A 47 -10.74 17.71 -26.14
N VAL A 48 -9.75 17.97 -26.98
CA VAL A 48 -9.95 18.81 -28.16
C VAL A 48 -10.87 18.11 -29.17
N ARG A 49 -11.73 18.90 -29.81
CA ARG A 49 -12.65 18.43 -30.84
C ARG A 49 -12.79 19.52 -31.89
N GLY A 50 -13.12 19.11 -33.10
CA GLY A 50 -13.47 20.07 -34.13
C GLY A 50 -14.79 20.76 -33.80
N LEU A 51 -15.08 21.82 -34.58
CA LEU A 51 -16.31 22.57 -34.34
C LEU A 51 -17.55 21.73 -34.62
N ASN A 52 -17.44 20.72 -35.49
CA ASN A 52 -18.52 19.78 -35.76
C ASN A 52 -18.26 18.41 -35.15
N ASN A 53 -17.60 18.39 -33.98
CA ASN A 53 -17.25 17.17 -33.26
C ASN A 53 -16.26 16.29 -34.03
N GLU A 54 -15.45 16.89 -34.89
CA GLU A 54 -14.36 16.14 -35.49
C GLU A 54 -13.40 15.65 -34.40
N SER A 55 -12.65 14.60 -34.72
CA SER A 55 -11.78 13.96 -33.74
C SER A 55 -10.68 14.90 -33.25
N ALA A 56 -10.14 14.58 -32.08
CA ALA A 56 -8.97 15.30 -31.58
C ALA A 56 -7.81 15.22 -32.54
N TYR A 57 -7.57 14.01 -33.08
CA TYR A 57 -6.47 13.84 -34.03
C TYR A 57 -6.65 14.74 -35.24
N SER A 58 -7.89 14.89 -35.72
CA SER A 58 -8.14 15.78 -36.86
C SER A 58 -7.70 17.20 -36.56
N VAL A 59 -7.91 17.65 -35.33
CA VAL A 59 -7.49 18.99 -34.93
C VAL A 59 -5.99 19.04 -34.70
N ILE A 60 -5.47 18.15 -33.85
CA ILE A 60 -4.08 18.22 -33.43
C ILE A 60 -3.14 17.99 -34.60
N SER A 61 -3.56 17.21 -35.60
CA SER A 61 -2.74 17.01 -36.80
C SER A 61 -2.38 18.33 -37.45
N ARG A 62 -3.19 19.35 -37.26
CA ARG A 62 -2.91 20.62 -37.87
C ARG A 62 -1.92 21.46 -37.14
N VAL A 63 -1.56 21.03 -35.94
CA VAL A 63 -0.60 21.76 -35.11
C VAL A 63 0.81 21.49 -35.62
N ASN A 64 1.56 22.57 -35.87
CA ASN A 64 2.95 22.43 -36.30
C ASN A 64 3.84 23.33 -35.45
N GLU A 65 5.11 23.45 -35.84
CA GLU A 65 6.09 24.17 -35.00
C GLU A 65 5.73 25.64 -34.83
N ASP A 66 5.10 26.24 -35.84
CA ASP A 66 4.87 27.68 -35.83
C ASP A 66 3.62 28.07 -35.05
N ASN A 67 2.74 27.12 -34.71
CA ASN A 67 1.51 27.46 -34.01
C ASN A 67 1.31 26.68 -32.71
N ARG A 68 2.27 25.86 -32.29
CA ARG A 68 2.10 25.00 -31.13
C ARG A 68 1.81 25.83 -29.88
N TYR A 69 2.56 26.91 -29.68
CA TYR A 69 2.37 27.72 -28.48
C TYR A 69 1.00 28.40 -28.49
N LEU A 70 0.61 28.98 -29.62
CA LEU A 70 -0.71 29.60 -29.72
C LEU A 70 -1.81 28.57 -29.54
N PHE A 71 -1.61 27.36 -30.09
CA PHE A 71 -2.60 26.30 -29.95
C PHE A 71 -2.74 25.86 -28.50
N ASP A 72 -1.61 25.72 -27.80
CA ASP A 72 -1.65 25.33 -26.39
C ASP A 72 -2.43 26.35 -25.56
N GLN A 73 -2.09 27.63 -25.70
CA GLN A 73 -2.80 28.66 -24.96
C GLN A 73 -4.29 28.66 -25.29
N MET A 74 -4.64 28.45 -26.57
CA MET A 74 -6.04 28.41 -26.96
C MET A 74 -6.79 27.25 -26.30
N CYS A 75 -6.17 26.06 -26.28
CA CYS A 75 -6.79 24.92 -25.61
C CYS A 75 -7.11 25.23 -24.16
N ARG A 76 -6.20 25.92 -23.47
CA ARG A 76 -6.41 26.22 -22.07
C ARG A 76 -7.57 27.17 -21.87
N VAL A 77 -7.65 28.23 -22.69
CA VAL A 77 -8.68 29.24 -22.53
C VAL A 77 -10.05 28.68 -22.88
N LYS A 78 -10.14 27.91 -23.96
CA LYS A 78 -11.42 27.32 -24.37
C LYS A 78 -11.93 26.35 -23.32
N ALA A 79 -11.03 25.53 -22.75
CA ALA A 79 -11.44 24.56 -21.75
C ALA A 79 -11.95 25.26 -20.49
N ILE A 80 -11.23 26.29 -20.04
CA ILE A 80 -11.66 27.03 -18.86
C ILE A 80 -12.96 27.76 -19.12
N ALA A 81 -13.10 28.37 -20.31
CA ALA A 81 -14.30 29.15 -20.62
C ALA A 81 -15.53 28.24 -20.70
N LEU A 82 -15.39 27.08 -21.35
CA LEU A 82 -16.53 26.17 -21.47
C LEU A 82 -16.88 25.56 -20.13
N ALA A 83 -15.87 25.14 -19.36
CA ALA A 83 -16.16 24.56 -18.05
C ALA A 83 -16.89 25.55 -17.17
N ALA A 84 -16.50 26.82 -17.21
CA ALA A 84 -17.23 27.85 -16.49
C ALA A 84 -18.65 27.98 -17.04
N LYS A 85 -18.76 28.11 -18.37
CA LYS A 85 -20.07 28.28 -19.00
C LYS A 85 -21.02 27.13 -18.65
N LEU A 86 -20.47 25.91 -18.54
CA LEU A 86 -21.23 24.70 -18.24
C LEU A 86 -21.46 24.51 -16.74
N GLY A 87 -20.86 25.34 -15.89
CA GLY A 87 -21.11 25.25 -14.46
C GLY A 87 -20.28 24.23 -13.73
N LEU A 88 -19.08 23.93 -14.22
CA LEU A 88 -18.21 22.97 -13.55
C LEU A 88 -17.74 23.52 -12.21
N THR A 89 -17.96 22.73 -11.14
CA THR A 89 -17.52 23.13 -9.80
C THR A 89 -16.49 22.18 -9.20
N SER A 90 -16.12 21.11 -9.92
CA SER A 90 -15.04 20.22 -9.52
C SER A 90 -13.81 20.50 -10.38
N LYS A 91 -12.92 19.51 -10.49
CA LYS A 91 -11.63 19.72 -11.15
C LYS A 91 -11.76 19.75 -12.68
N LEU A 92 -10.95 20.61 -13.30
CA LEU A 92 -10.78 20.65 -14.75
C LEU A 92 -9.36 20.17 -15.07
N SER A 93 -9.24 19.11 -15.87
CA SER A 93 -7.96 18.51 -16.19
C SER A 93 -7.63 18.78 -17.64
N ILE A 94 -6.46 19.37 -17.90
CA ILE A 94 -6.08 19.83 -19.22
C ILE A 94 -4.81 19.10 -19.63
N ASN A 95 -4.79 18.65 -20.88
CA ASN A 95 -3.62 17.97 -21.41
C ASN A 95 -2.56 19.00 -21.79
N PHE A 96 -1.34 18.81 -21.29
CA PHE A 96 -0.27 19.74 -21.57
C PHE A 96 0.47 19.26 -22.80
N LEU A 97 0.38 20.04 -23.89
CA LEU A 97 1.04 19.72 -25.15
C LEU A 97 2.52 19.45 -24.93
N PRO A 98 3.01 18.25 -25.30
CA PRO A 98 4.41 17.87 -25.03
C PRO A 98 5.45 18.97 -25.23
N ASN A 99 6.18 19.24 -24.15
CA ASN A 99 6.85 20.52 -23.92
C ASN A 99 8.32 20.53 -24.34
N ALA A 100 8.74 19.61 -25.20
CA ALA A 100 10.09 19.72 -25.75
C ALA A 100 10.27 20.99 -26.55
N ILE A 101 9.18 21.63 -26.94
CA ILE A 101 9.22 22.94 -27.55
C ILE A 101 8.65 24.03 -26.65
N TYR A 102 7.73 23.68 -25.75
CA TYR A 102 7.32 24.57 -24.67
C TYR A 102 8.47 24.67 -23.67
N VAL A 103 9.68 24.82 -24.17
CA VAL A 103 10.88 24.99 -23.35
C VAL A 103 10.74 26.23 -22.48
N PRO A 104 10.46 27.43 -23.05
CA PRO A 104 10.57 28.65 -22.23
C PRO A 104 9.68 28.64 -21.00
N GLU A 105 8.37 28.37 -21.16
CA GLU A 105 7.44 28.35 -20.04
C GLU A 105 7.37 29.77 -19.46
N ARG A 106 6.58 29.99 -18.41
CA ARG A 106 6.31 31.29 -17.81
C ARG A 106 5.51 32.20 -18.74
N CYS A 107 5.10 31.69 -19.90
CA CYS A 107 3.96 32.23 -20.64
C CYS A 107 2.63 31.79 -20.03
N ILE A 108 2.59 31.55 -18.72
CA ILE A 108 1.41 31.02 -18.06
C ILE A 108 0.47 32.12 -17.55
N ARG A 109 0.81 33.39 -17.74
CA ARG A 109 -0.12 34.46 -17.35
C ARG A 109 -1.42 34.39 -18.16
N THR A 110 -1.35 33.93 -19.41
CA THR A 110 -2.58 33.76 -20.19
C THR A 110 -3.50 32.74 -19.55
N THR A 111 -2.93 31.72 -18.89
CA THR A 111 -3.74 30.76 -18.14
C THR A 111 -4.32 31.41 -16.88
N LEU A 112 -3.45 32.08 -16.10
CA LEU A 112 -3.90 32.71 -14.86
C LEU A 112 -4.98 33.73 -15.13
N GLU A 113 -4.82 34.53 -16.20
CA GLU A 113 -5.80 35.55 -16.53
C GLU A 113 -7.11 34.92 -16.97
N ALA A 114 -7.06 33.82 -17.72
CA ALA A 114 -8.27 33.13 -18.12
C ALA A 114 -9.02 32.61 -16.89
N ALA A 115 -8.30 31.97 -15.97
CA ALA A 115 -8.94 31.46 -14.76
C ALA A 115 -9.63 32.58 -13.98
N LYS A 116 -8.95 33.71 -13.81
CA LYS A 116 -9.53 34.81 -13.05
C LYS A 116 -10.76 35.37 -13.73
N ARG A 117 -10.68 35.61 -15.04
CA ARG A 117 -11.83 36.12 -15.78
C ARG A 117 -13.07 35.27 -15.57
N TYR A 118 -12.91 33.95 -15.56
CA TYR A 118 -14.02 33.03 -15.43
C TYR A 118 -14.21 32.56 -13.99
N GLN A 119 -13.50 33.17 -13.04
CA GLN A 119 -13.68 32.91 -11.61
C GLN A 119 -13.51 31.44 -11.28
N PHE A 120 -12.52 30.80 -11.92
CA PHE A 120 -12.23 29.39 -11.75
C PHE A 120 -10.91 29.26 -10.99
N PRO A 121 -10.91 28.71 -9.78
CA PRO A 121 -9.67 28.66 -8.99
C PRO A 121 -8.57 27.84 -9.64
N ILE A 122 -7.34 28.37 -9.54
CA ILE A 122 -6.15 27.67 -10.04
C ILE A 122 -6.04 26.28 -9.42
N GLU A 123 -6.45 26.16 -8.16
CA GLU A 123 -6.37 24.91 -7.43
C GLU A 123 -7.33 23.87 -7.96
N ASN A 124 -8.34 24.26 -8.75
CA ASN A 124 -9.22 23.29 -9.38
C ASN A 124 -8.83 22.98 -10.82
N ILE A 125 -7.65 23.43 -11.26
CA ILE A 125 -7.13 23.11 -12.59
C ILE A 125 -5.98 22.13 -12.44
N MET A 126 -6.07 21.01 -13.15
CA MET A 126 -5.03 19.97 -13.14
C MET A 126 -4.44 19.87 -14.54
N PHE A 127 -3.11 19.83 -14.62
CA PHE A 127 -2.45 19.67 -15.90
C PHE A 127 -1.89 18.26 -16.00
N GLU A 128 -2.19 17.58 -17.11
CA GLU A 128 -1.72 16.23 -17.36
C GLU A 128 -0.50 16.28 -18.28
N PHE A 129 0.57 15.62 -17.85
CA PHE A 129 1.87 15.77 -18.49
C PHE A 129 2.20 14.50 -19.28
N THR A 130 2.46 14.68 -20.57
CA THR A 130 2.96 13.64 -21.45
C THR A 130 4.30 14.11 -22.02
N GLU A 131 5.26 13.20 -22.06
CA GLU A 131 6.59 13.51 -22.59
C GLU A 131 6.55 13.64 -24.11
N ALA A 132 7.39 14.52 -24.64
CA ALA A 132 7.48 14.69 -26.09
C ALA A 132 8.41 13.67 -26.72
N GLU A 133 9.45 13.26 -26.00
CA GLU A 133 10.38 12.24 -26.48
C GLU A 133 11.03 11.60 -25.25
N ARG A 134 12.01 10.74 -25.49
CA ARG A 134 12.75 10.11 -24.41
C ARG A 134 13.36 11.16 -23.49
N VAL A 135 13.19 10.96 -22.19
CA VAL A 135 13.63 11.91 -21.18
C VAL A 135 15.03 11.49 -20.73
N GLU A 136 16.06 12.09 -21.34
CA GLU A 136 17.41 11.88 -20.86
C GLU A 136 17.72 12.81 -19.70
N ASP A 137 17.41 14.10 -19.85
CA ASP A 137 17.55 15.09 -18.78
C ASP A 137 16.15 15.36 -18.24
N VAL A 138 15.85 14.78 -17.07
CA VAL A 138 14.55 14.94 -16.45
C VAL A 138 14.31 16.35 -15.91
N ASN A 139 15.35 17.17 -15.82
CA ASN A 139 15.22 18.48 -15.19
C ASN A 139 14.27 19.39 -15.95
N HIS A 140 14.16 19.24 -17.28
CA HIS A 140 13.31 20.13 -18.04
C HIS A 140 11.83 19.92 -17.70
N ILE A 141 11.37 18.67 -17.75
CA ILE A 141 9.98 18.40 -17.43
C ILE A 141 9.73 18.56 -15.94
N LYS A 142 10.74 18.25 -15.11
CA LYS A 142 10.60 18.43 -13.67
C LYS A 142 10.44 19.90 -13.29
N ARG A 143 11.18 20.78 -13.99
CA ARG A 143 11.09 22.22 -13.75
C ARG A 143 9.66 22.72 -13.95
N ILE A 144 8.99 22.26 -15.01
CA ILE A 144 7.65 22.74 -15.33
C ILE A 144 6.65 22.26 -14.29
N VAL A 145 6.73 20.98 -13.91
CA VAL A 145 5.78 20.42 -12.95
C VAL A 145 5.91 21.12 -11.61
N GLU A 146 7.14 21.34 -11.15
CA GLU A 146 7.30 21.96 -9.84
C GLU A 146 6.90 23.44 -9.86
N TYR A 147 7.10 24.12 -10.99
CA TYR A 147 6.63 25.50 -11.10
C TYR A 147 5.11 25.57 -11.06
N TYR A 148 4.44 24.66 -11.77
CA TYR A 148 2.98 24.64 -11.76
C TYR A 148 2.45 24.32 -10.37
N LYS A 149 3.07 23.37 -9.68
CA LYS A 149 2.72 23.10 -8.29
C LYS A 149 2.85 24.35 -7.44
N SER A 150 3.92 25.13 -7.64
CA SER A 150 4.14 26.33 -6.83
C SER A 150 3.08 27.38 -7.09
N LEU A 151 2.54 27.45 -8.30
CA LEU A 151 1.47 28.39 -8.59
C LEU A 151 0.12 27.94 -8.05
N GLY A 152 -0.01 26.68 -7.62
CA GLY A 152 -1.26 26.17 -7.09
C GLY A 152 -1.96 25.15 -7.96
N PHE A 153 -1.47 24.89 -9.17
CA PHE A 153 -2.09 23.89 -10.03
C PHE A 153 -1.94 22.49 -9.47
N GLN A 154 -2.92 21.64 -9.76
CA GLN A 154 -2.75 20.20 -9.59
C GLN A 154 -2.02 19.65 -10.82
N THR A 155 -1.27 18.57 -10.63
CA THR A 155 -0.48 17.96 -11.70
C THR A 155 -0.69 16.46 -11.73
N ALA A 156 -0.53 15.89 -12.93
CA ALA A 156 -0.67 14.45 -13.14
C ALA A 156 0.31 13.97 -14.20
N ILE A 157 0.84 12.77 -14.01
CA ILE A 157 1.49 12.03 -15.09
C ILE A 157 0.39 11.33 -15.87
N ASP A 158 0.31 11.63 -17.17
CA ASP A 158 -0.83 11.18 -17.98
C ASP A 158 -0.72 9.71 -18.38
N ASP A 159 0.45 9.26 -18.75
CA ASP A 159 0.48 8.01 -19.51
C ASP A 159 1.38 7.02 -18.81
N PHE A 160 1.15 6.76 -17.53
CA PHE A 160 1.94 5.74 -16.84
C PHE A 160 1.61 4.35 -17.38
N GLY A 161 2.63 3.63 -17.79
CA GLY A 161 2.43 2.30 -18.32
C GLY A 161 2.33 2.22 -19.82
N SER A 162 2.55 3.31 -20.54
CA SER A 162 2.66 3.28 -21.98
C SER A 162 3.65 4.33 -22.45
N GLY A 163 3.97 4.32 -23.72
CA GLY A 163 4.80 5.39 -24.26
C GLY A 163 6.19 5.43 -23.63
N TYR A 164 6.54 6.57 -23.05
CA TYR A 164 7.83 6.77 -22.41
C TYR A 164 7.78 6.30 -20.96
N SER A 165 8.96 6.07 -20.38
CA SER A 165 9.05 5.45 -19.05
C SER A 165 8.52 6.40 -17.99
N GLY A 166 7.40 6.02 -17.36
CA GLY A 166 6.88 6.79 -16.25
C GLY A 166 7.68 6.64 -14.98
N LEU A 167 8.32 5.48 -14.79
CA LEU A 167 9.19 5.34 -13.62
C LEU A 167 10.37 6.28 -13.69
N ASN A 168 10.86 6.54 -14.91
CA ASN A 168 11.93 7.51 -15.11
C ASN A 168 11.54 8.87 -14.54
N LEU A 169 10.27 9.24 -14.70
CA LEU A 169 9.81 10.53 -14.16
C LEU A 169 9.68 10.47 -12.65
N LEU A 170 8.96 9.47 -12.14
CA LEU A 170 8.65 9.38 -10.71
C LEU A 170 9.89 9.30 -9.84
N ALA A 171 11.01 8.85 -10.39
CA ALA A 171 12.25 8.78 -9.60
C ALA A 171 12.74 10.16 -9.19
N ASP A 172 12.42 11.19 -9.97
CA ASP A 172 12.97 12.51 -9.72
C ASP A 172 11.96 13.56 -9.33
N PHE A 173 10.67 13.34 -9.56
CA PHE A 173 9.64 14.24 -9.05
C PHE A 173 8.31 13.49 -8.94
N GLN A 174 7.40 14.02 -8.14
CA GLN A 174 6.12 13.36 -8.02
C GLN A 174 5.00 14.36 -8.27
N THR A 175 4.01 13.93 -9.04
CA THR A 175 2.80 14.70 -9.28
C THR A 175 1.76 14.37 -8.22
N ASN A 176 0.66 15.15 -8.22
CA ASN A 176 -0.46 14.83 -7.35
C ASN A 176 -1.09 13.50 -7.72
N ILE A 177 -1.28 13.27 -9.00
CA ILE A 177 -1.98 12.11 -9.53
C ILE A 177 -1.10 11.43 -10.57
N VAL A 178 -1.18 10.11 -10.65
CA VAL A 178 -0.61 9.34 -11.76
C VAL A 178 -1.76 8.63 -12.44
N LYS A 179 -1.97 8.92 -13.72
CA LYS A 179 -3.01 8.26 -14.51
C LYS A 179 -2.42 7.00 -15.13
N VAL A 180 -3.09 5.87 -14.94
CA VAL A 180 -2.57 4.58 -15.40
C VAL A 180 -3.20 4.26 -16.74
N ASP A 181 -2.35 4.03 -17.74
CA ASP A 181 -2.80 3.81 -19.11
C ASP A 181 -3.77 2.64 -19.19
N MET A 182 -4.74 2.74 -20.09
CA MET A 182 -5.75 1.69 -20.18
C MET A 182 -5.15 0.35 -20.56
N GLY A 183 -4.00 0.34 -21.23
CA GLY A 183 -3.40 -0.92 -21.61
C GLY A 183 -3.07 -1.80 -20.41
N LEU A 184 -2.70 -1.19 -19.29
CA LEU A 184 -2.39 -1.94 -18.08
C LEU A 184 -3.63 -2.44 -17.36
N ILE A 185 -4.78 -1.78 -17.53
CA ILE A 185 -5.96 -2.24 -16.82
C ILE A 185 -6.91 -3.05 -17.69
N ARG A 186 -6.67 -3.10 -19.01
CA ARG A 186 -7.58 -3.84 -19.89
C ARG A 186 -7.69 -5.29 -19.46
N ASN A 187 -8.90 -5.70 -19.08
CA ASN A 187 -9.19 -7.07 -18.65
C ASN A 187 -8.32 -7.48 -17.46
N ILE A 188 -8.06 -6.53 -16.55
CA ILE A 188 -7.13 -6.82 -15.47
C ILE A 188 -7.69 -7.89 -14.54
N HIS A 189 -9.02 -7.99 -14.45
CA HIS A 189 -9.65 -9.06 -13.67
C HIS A 189 -9.32 -10.45 -14.20
N ALA A 190 -8.84 -10.55 -15.45
CA ALA A 190 -8.56 -11.86 -16.05
C ALA A 190 -7.08 -12.16 -16.20
N ASP A 191 -6.21 -11.19 -15.93
CA ASP A 191 -4.81 -11.20 -16.36
C ASP A 191 -3.90 -11.12 -15.12
N GLN A 192 -3.35 -12.25 -14.69
CA GLN A 192 -2.57 -12.25 -13.46
C GLN A 192 -1.31 -11.39 -13.55
N VAL A 193 -0.72 -11.27 -14.75
CA VAL A 193 0.45 -10.41 -14.88
C VAL A 193 0.06 -8.95 -14.64
N ARG A 194 -1.03 -8.50 -15.26
CA ARG A 194 -1.47 -7.13 -15.04
C ARG A 194 -1.89 -6.92 -13.58
N GLN A 195 -2.47 -7.95 -12.95
CA GLN A 195 -2.80 -7.86 -11.54
C GLN A 195 -1.58 -7.62 -10.68
N SER A 196 -0.49 -8.33 -10.96
CA SER A 196 0.73 -8.12 -10.16
C SER A 196 1.35 -6.77 -10.44
N ILE A 197 1.32 -6.32 -11.71
CA ILE A 197 1.83 -4.98 -12.03
C ILE A 197 1.07 -3.92 -11.24
N MET A 198 -0.26 -4.01 -11.25
CA MET A 198 -1.05 -2.98 -10.57
C MET A 198 -0.91 -3.08 -9.06
N LYS A 199 -0.87 -4.30 -8.51
CA LYS A 199 -0.75 -4.41 -7.06
C LYS A 199 0.54 -3.75 -6.58
N ASN A 200 1.63 -3.99 -7.29
CA ASN A 200 2.91 -3.45 -6.87
C ASN A 200 3.05 -1.98 -7.21
N CYS A 201 2.47 -1.51 -8.32
CA CYS A 201 2.49 -0.08 -8.62
C CYS A 201 1.64 0.71 -7.62
N LEU A 202 0.51 0.16 -7.17
CA LEU A 202 -0.33 0.90 -6.22
C LEU A 202 0.39 1.08 -4.89
N LYS A 203 1.16 0.07 -4.47
CA LYS A 203 2.00 0.21 -3.29
C LYS A 203 3.08 1.25 -3.50
N LEU A 204 3.70 1.25 -4.69
CA LEU A 204 4.66 2.30 -5.02
C LEU A 204 4.01 3.69 -4.96
N PHE A 205 2.83 3.85 -5.55
CA PHE A 205 2.18 5.16 -5.56
C PHE A 205 1.90 5.65 -4.14
N SER A 206 1.44 4.77 -3.27
CA SER A 206 1.21 5.15 -1.88
C SER A 206 2.50 5.60 -1.20
N ASP A 207 3.61 4.85 -1.43
CA ASP A 207 4.89 5.22 -0.84
C ASP A 207 5.34 6.60 -1.28
N LEU A 208 4.97 7.01 -2.49
CA LEU A 208 5.35 8.30 -3.02
C LEU A 208 4.30 9.39 -2.75
N ASN A 209 3.26 9.06 -1.97
CA ASN A 209 2.09 9.92 -1.71
C ASN A 209 1.48 10.45 -3.01
N ILE A 210 1.26 9.55 -3.97
CA ILE A 210 0.64 9.86 -5.25
C ILE A 210 -0.71 9.17 -5.35
N GLN A 211 -1.72 9.90 -5.83
CA GLN A 211 -3.05 9.32 -5.98
C GLN A 211 -3.21 8.67 -7.34
N PRO A 212 -3.58 7.40 -7.41
CA PRO A 212 -3.75 6.73 -8.70
C PRO A 212 -5.09 7.02 -9.31
N LEU A 213 -5.12 6.94 -10.65
CA LEU A 213 -6.34 7.12 -11.44
C LEU A 213 -6.28 6.13 -12.59
N ALA A 214 -7.28 5.25 -12.69
CA ALA A 214 -7.28 4.24 -13.74
C ALA A 214 -8.00 4.77 -14.97
N GLU A 215 -7.30 4.82 -16.11
CA GLU A 215 -7.83 5.28 -17.38
C GLU A 215 -8.45 4.14 -18.19
N GLY A 216 -9.43 4.50 -19.01
CA GLY A 216 -9.94 3.59 -20.01
C GLY A 216 -10.67 2.37 -19.48
N VAL A 217 -11.33 2.50 -18.33
CA VAL A 217 -12.15 1.41 -17.81
C VAL A 217 -13.34 1.22 -18.73
N GLU A 218 -13.54 0.00 -19.22
CA GLU A 218 -14.59 -0.30 -20.18
C GLU A 218 -15.63 -1.29 -19.69
N SER A 219 -15.41 -1.99 -18.58
CA SER A 219 -16.36 -2.99 -18.14
C SER A 219 -16.49 -2.96 -16.62
N HIS A 220 -17.63 -3.46 -16.14
CA HIS A 220 -17.83 -3.57 -14.70
C HIS A 220 -16.75 -4.45 -14.05
N ALA A 221 -16.35 -5.52 -14.73
CA ALA A 221 -15.38 -6.43 -14.13
C ALA A 221 -14.04 -5.74 -13.88
N GLU A 222 -13.61 -4.88 -14.82
CA GLU A 222 -12.41 -4.08 -14.60
C GLU A 222 -12.60 -3.14 -13.41
N PHE A 223 -13.72 -2.41 -13.40
CA PHE A 223 -13.99 -1.47 -12.32
C PHE A 223 -13.96 -2.16 -10.97
N ALA A 224 -14.59 -3.33 -10.88
CA ALA A 224 -14.73 -3.98 -9.57
C ALA A 224 -13.39 -4.49 -9.08
N TRP A 225 -12.56 -5.01 -9.98
CA TRP A 225 -11.23 -5.43 -9.57
C TRP A 225 -10.41 -4.25 -9.09
N LEU A 226 -10.45 -3.15 -9.84
CA LEU A 226 -9.66 -1.96 -9.49
C LEU A 226 -10.13 -1.35 -8.18
N LYS A 227 -11.44 -1.36 -7.94
CA LYS A 227 -11.97 -0.81 -6.70
C LYS A 227 -11.49 -1.65 -5.51
N ALA A 228 -11.51 -2.97 -5.66
CA ALA A 228 -11.04 -3.83 -4.58
C ALA A 228 -9.55 -3.65 -4.33
N ALA A 229 -8.79 -3.37 -5.39
CA ALA A 229 -7.34 -3.20 -5.27
C ALA A 229 -6.96 -1.88 -4.61
N GLY A 230 -7.91 -0.96 -4.46
CA GLY A 230 -7.66 0.29 -3.77
C GLY A 230 -7.69 1.52 -4.65
N VAL A 231 -8.04 1.39 -5.92
CA VAL A 231 -8.16 2.57 -6.79
C VAL A 231 -9.47 3.27 -6.47
N GLU A 232 -9.42 4.59 -6.31
CA GLU A 232 -10.64 5.37 -6.13
C GLU A 232 -11.03 6.12 -7.39
N LEU A 233 -10.09 6.87 -7.98
CA LEU A 233 -10.41 7.67 -9.16
C LEU A 233 -10.33 6.82 -10.41
N MET A 234 -11.39 6.86 -11.22
CA MET A 234 -11.41 6.12 -12.47
C MET A 234 -12.03 6.97 -13.58
N GLN A 235 -11.69 6.59 -14.81
CA GLN A 235 -12.16 7.28 -16.00
C GLN A 235 -12.32 6.22 -17.10
N GLY A 236 -13.30 6.40 -17.96
CA GLY A 236 -13.44 5.45 -19.06
C GLY A 236 -14.86 5.38 -19.59
N TYR A 237 -14.97 4.75 -20.76
CA TYR A 237 -16.28 4.58 -21.41
C TYR A 237 -17.28 3.89 -20.50
N TYR A 238 -16.83 3.01 -19.61
CA TYR A 238 -17.76 2.36 -18.69
C TYR A 238 -18.54 3.39 -17.88
N PHE A 239 -17.92 4.52 -17.56
CA PHE A 239 -18.59 5.58 -16.81
C PHE A 239 -19.30 6.57 -17.73
N ALA A 240 -18.58 7.10 -18.71
CA ALA A 240 -19.19 8.00 -19.69
C ALA A 240 -18.16 8.32 -20.76
N LYS A 241 -18.60 8.28 -22.00
CA LYS A 241 -17.81 8.80 -23.10
C LYS A 241 -17.66 10.31 -22.97
N PRO A 242 -16.63 10.89 -23.60
CA PRO A 242 -16.52 12.35 -23.66
C PRO A 242 -17.80 12.99 -24.21
N GLY A 243 -18.13 14.16 -23.68
CA GLY A 243 -19.30 14.87 -24.15
C GLY A 243 -18.94 16.14 -24.87
N PHE A 244 -19.38 16.28 -26.11
CA PHE A 244 -19.08 17.46 -26.91
C PHE A 244 -19.71 18.69 -26.29
N GLU A 245 -18.88 19.63 -25.85
CA GLU A 245 -19.32 20.89 -25.23
C GLU A 245 -20.36 20.64 -24.14
N SER A 246 -20.16 19.57 -23.37
CA SER A 246 -21.11 19.24 -22.32
C SER A 246 -20.39 18.46 -21.22
N LEU A 247 -21.04 18.40 -20.06
CA LEU A 247 -20.56 17.64 -18.91
C LEU A 247 -21.40 16.38 -18.79
N PRO A 248 -20.93 15.24 -19.31
CA PRO A 248 -21.75 14.03 -19.32
C PRO A 248 -22.10 13.54 -17.93
N SER A 249 -23.28 12.93 -17.82
CA SER A 249 -23.67 12.22 -16.62
C SER A 249 -23.04 10.83 -16.59
N VAL A 250 -22.84 10.32 -15.38
CA VAL A 250 -22.19 9.03 -15.18
C VAL A 250 -23.24 7.93 -15.11
N ASN A 251 -22.92 6.80 -15.76
CA ASN A 251 -23.60 5.51 -15.75
C ASN A 251 -24.29 5.22 -14.42
N PRO A 252 -25.62 5.05 -14.43
CA PRO A 252 -26.31 4.65 -13.19
C PRO A 252 -25.95 3.25 -12.71
N GLU A 253 -25.56 2.35 -13.62
CA GLU A 253 -25.32 0.96 -13.25
C GLU A 253 -24.15 0.84 -12.28
N PHE A 254 -23.11 1.64 -12.48
CA PHE A 254 -21.96 1.58 -11.58
C PHE A 254 -22.34 1.99 -10.16
N SER A 255 -23.34 2.87 -10.02
CA SER A 255 -23.73 3.36 -8.70
C SER A 255 -24.31 2.25 -7.85
N GLU A 256 -25.06 1.32 -8.46
CA GLU A 256 -25.76 0.29 -7.72
C GLU A 256 -25.05 -1.04 -8.00
N ALA A 257 -25.58 -1.88 -8.89
CA ALA A 257 -24.99 -3.17 -9.23
C ALA A 257 -24.77 -4.05 -8.00
N LEU C 22 0.05 -34.17 33.12
CA LEU C 22 -1.31 -33.67 32.95
C LEU C 22 -2.33 -34.74 33.30
N ASP C 23 -3.48 -34.33 33.85
CA ASP C 23 -4.56 -35.25 34.15
C ASP C 23 -5.40 -35.59 32.93
N PHE C 24 -4.99 -35.12 31.75
CA PHE C 24 -5.74 -35.34 30.53
C PHE C 24 -4.75 -35.40 29.38
N ASP C 25 -5.20 -35.96 28.25
CA ASP C 25 -4.41 -36.04 27.04
C ASP C 25 -5.20 -35.42 25.91
N PHE C 26 -4.54 -35.20 24.78
CA PHE C 26 -5.13 -34.50 23.66
C PHE C 26 -4.21 -34.71 22.47
N THR C 27 -4.66 -34.28 21.29
CA THR C 27 -3.85 -34.35 20.08
C THR C 27 -4.14 -33.09 19.26
N MET C 28 -3.86 -33.13 17.95
CA MET C 28 -3.96 -31.94 17.10
C MET C 28 -4.71 -32.21 15.81
N ALA C 29 -5.45 -31.19 15.37
CA ALA C 29 -5.91 -31.04 13.99
C ALA C 29 -5.06 -30.00 13.29
N PHE C 30 -5.11 -30.00 11.95
CA PHE C 30 -4.31 -29.05 11.19
C PHE C 30 -5.17 -28.41 10.11
N GLN C 31 -5.04 -27.09 9.97
CA GLN C 31 -5.80 -26.37 8.97
C GLN C 31 -4.86 -25.62 8.04
N PRO C 32 -4.98 -25.82 6.73
CA PRO C 32 -4.04 -25.18 5.81
C PRO C 32 -4.24 -23.69 5.68
N ILE C 33 -3.12 -23.02 5.43
CA ILE C 33 -3.02 -21.62 5.02
C ILE C 33 -2.56 -21.64 3.57
N VAL C 34 -3.29 -20.96 2.69
CA VAL C 34 -2.97 -21.00 1.27
C VAL C 34 -2.36 -19.67 0.85
N ASN C 35 -1.47 -19.74 -0.13
CA ASN C 35 -0.99 -18.57 -0.85
C ASN C 35 -1.81 -18.50 -2.13
N CYS C 36 -2.66 -17.47 -2.23
CA CYS C 36 -3.60 -17.38 -3.34
C CYS C 36 -2.91 -16.94 -4.63
N ARG C 37 -1.70 -16.42 -4.55
CA ARG C 37 -0.98 -16.01 -5.75
C ARG C 37 -0.29 -17.19 -6.40
N THR C 38 0.38 -18.03 -5.61
CA THR C 38 1.07 -19.20 -6.11
C THR C 38 0.19 -20.46 -6.13
N LYS C 39 -0.95 -20.42 -5.44
CA LYS C 39 -1.83 -21.57 -5.23
C LYS C 39 -1.15 -22.71 -4.49
N GLU C 40 -0.09 -22.38 -3.76
CA GLU C 40 0.62 -23.36 -2.95
C GLU C 40 0.21 -23.20 -1.48
N ILE C 41 0.44 -24.27 -0.72
CA ILE C 41 0.16 -24.24 0.72
C ILE C 41 1.31 -23.56 1.43
N PHE C 42 1.01 -22.46 2.14
CA PHE C 42 2.00 -21.78 2.95
C PHE C 42 2.37 -22.60 4.19
N GLY C 43 1.39 -23.25 4.79
CA GLY C 43 1.61 -23.94 6.05
C GLY C 43 0.27 -24.41 6.60
N TYR C 44 0.32 -24.90 7.83
CA TYR C 44 -0.86 -25.39 8.52
C TYR C 44 -0.84 -24.87 9.95
N GLU C 45 -2.00 -24.44 10.44
CA GLU C 45 -2.14 -24.11 11.85
C GLU C 45 -2.53 -25.35 12.62
N ALA C 46 -1.82 -25.60 13.72
CA ALA C 46 -2.16 -26.68 14.64
C ALA C 46 -3.25 -26.23 15.62
N LEU C 47 -4.24 -27.10 15.85
CA LEU C 47 -5.38 -26.75 16.70
C LEU C 47 -5.67 -27.92 17.64
N VAL C 48 -5.79 -27.66 18.94
CA VAL C 48 -5.89 -28.78 19.88
C VAL C 48 -7.25 -29.47 19.73
N ARG C 49 -7.22 -30.80 19.85
CA ARG C 49 -8.43 -31.62 19.86
C ARG C 49 -8.28 -32.69 20.93
N GLY C 50 -9.40 -33.19 21.43
CA GLY C 50 -9.38 -34.35 22.29
C GLY C 50 -8.98 -35.59 21.51
N LEU C 51 -8.72 -36.67 22.25
CA LEU C 51 -8.27 -37.91 21.60
C LEU C 51 -9.35 -38.50 20.70
N ASN C 52 -10.61 -38.18 20.97
CA ASN C 52 -11.73 -38.63 20.13
C ASN C 52 -12.31 -37.47 19.32
N ASN C 53 -11.45 -36.53 18.92
CA ASN C 53 -11.85 -35.34 18.16
C ASN C 53 -12.79 -34.44 18.95
N GLU C 54 -12.69 -34.51 20.28
CA GLU C 54 -13.33 -33.50 21.13
C GLU C 54 -12.84 -32.11 20.76
N SER C 55 -13.68 -31.11 21.06
CA SER C 55 -13.40 -29.75 20.60
C SER C 55 -12.18 -29.16 21.31
N ALA C 56 -11.62 -28.11 20.71
CA ALA C 56 -10.51 -27.39 21.35
C ALA C 56 -10.95 -26.86 22.71
N TYR C 57 -12.13 -26.26 22.76
CA TYR C 57 -12.62 -25.68 24.00
C TYR C 57 -12.67 -26.72 25.12
N SER C 58 -13.09 -27.94 24.80
CA SER C 58 -13.20 -28.97 25.82
C SER C 58 -11.86 -29.33 26.42
N VAL C 59 -10.79 -29.18 25.65
CA VAL C 59 -9.45 -29.41 26.16
C VAL C 59 -8.93 -28.18 26.90
N ILE C 60 -9.01 -27.02 26.26
CA ILE C 60 -8.44 -25.82 26.87
C ILE C 60 -9.18 -25.44 28.14
N SER C 61 -10.48 -25.75 28.24
CA SER C 61 -11.22 -25.51 29.47
C SER C 61 -10.60 -26.23 30.66
N ARG C 62 -9.72 -27.19 30.44
CA ARG C 62 -9.08 -27.93 31.51
C ARG C 62 -7.78 -27.30 31.99
N VAL C 63 -7.27 -26.32 31.25
CA VAL C 63 -6.03 -25.66 31.61
C VAL C 63 -6.29 -24.65 32.71
N ASN C 64 -5.42 -24.62 33.71
CA ASN C 64 -5.49 -23.67 34.81
C ASN C 64 -4.09 -23.18 35.11
N GLU C 65 -3.95 -22.34 36.15
CA GLU C 65 -2.65 -21.72 36.40
C GLU C 65 -1.60 -22.74 36.80
N ASP C 66 -2.00 -23.84 37.44
CA ASP C 66 -1.06 -24.91 37.73
C ASP C 66 -0.76 -25.76 36.50
N ASN C 67 -1.63 -25.73 35.50
CA ASN C 67 -1.52 -26.53 34.28
C ASN C 67 -0.73 -25.85 33.17
N ARG C 68 -0.69 -24.52 33.20
CA ARG C 68 -0.48 -23.72 31.98
C ARG C 68 0.84 -24.05 31.31
N TYR C 69 1.94 -24.02 32.06
CA TYR C 69 3.25 -24.15 31.44
C TYR C 69 3.42 -25.54 30.83
N LEU C 70 3.04 -26.58 31.56
CA LEU C 70 3.16 -27.94 31.04
C LEU C 70 2.28 -28.15 29.82
N PHE C 71 1.05 -27.60 29.85
CA PHE C 71 0.14 -27.75 28.71
C PHE C 71 0.70 -27.06 27.47
N ASP C 72 1.28 -25.88 27.64
CA ASP C 72 1.84 -25.16 26.50
C ASP C 72 2.99 -25.95 25.85
N GLN C 73 3.87 -26.50 26.67
CA GLN C 73 4.96 -27.31 26.14
C GLN C 73 4.44 -28.55 25.42
N MET C 74 3.41 -29.20 25.98
CA MET C 74 2.89 -30.41 25.34
C MET C 74 2.19 -30.08 24.03
N CYS C 75 1.50 -28.93 23.94
CA CYS C 75 0.95 -28.50 22.66
C CYS C 75 2.04 -28.42 21.61
N ARG C 76 3.16 -27.78 21.95
CA ARG C 76 4.23 -27.58 20.98
C ARG C 76 4.83 -28.90 20.55
N VAL C 77 5.17 -29.76 21.51
CA VAL C 77 5.80 -31.04 21.18
C VAL C 77 4.87 -31.89 20.34
N LYS C 78 3.59 -31.97 20.72
CA LYS C 78 2.64 -32.80 19.98
C LYS C 78 2.45 -32.26 18.56
N ALA C 79 2.38 -30.94 18.40
CA ALA C 79 2.21 -30.36 17.08
C ALA C 79 3.42 -30.65 16.19
N ILE C 80 4.62 -30.44 16.73
CA ILE C 80 5.83 -30.69 15.95
C ILE C 80 5.94 -32.17 15.59
N ALA C 81 5.70 -33.05 16.57
CA ALA C 81 5.85 -34.48 16.33
C ALA C 81 4.86 -34.98 15.27
N LEU C 82 3.60 -34.51 15.35
CA LEU C 82 2.59 -34.94 14.38
C LEU C 82 2.88 -34.37 12.99
N ALA C 83 3.23 -33.09 12.91
CA ALA C 83 3.57 -32.51 11.62
C ALA C 83 4.71 -33.28 10.96
N ALA C 84 5.70 -33.69 11.75
CA ALA C 84 6.78 -34.50 11.19
C ALA C 84 6.27 -35.84 10.72
N LYS C 85 5.44 -36.49 11.54
CA LYS C 85 4.90 -37.81 11.18
C LYS C 85 4.09 -37.74 9.89
N LEU C 86 3.32 -36.66 9.71
CA LEU C 86 2.49 -36.47 8.53
C LEU C 86 3.28 -35.97 7.32
N GLY C 87 4.56 -35.63 7.50
CA GLY C 87 5.37 -35.20 6.38
C GLY C 87 5.19 -33.74 6.01
N LEU C 88 4.85 -32.90 6.97
CA LEU C 88 4.72 -31.48 6.68
C LEU C 88 6.07 -30.89 6.25
N THR C 89 6.08 -30.23 5.07
CA THR C 89 7.30 -29.58 4.59
C THR C 89 7.17 -28.07 4.48
N SER C 90 5.98 -27.51 4.72
CA SER C 90 5.77 -26.07 4.75
C SER C 90 5.73 -25.61 6.21
N LYS C 91 5.13 -24.46 6.48
CA LYS C 91 5.18 -23.89 7.82
C LYS C 91 4.20 -24.56 8.76
N LEU C 92 4.58 -24.60 10.04
CA LEU C 92 3.74 -25.10 11.12
C LEU C 92 3.44 -23.93 12.04
N SER C 93 2.16 -23.58 12.19
CA SER C 93 1.80 -22.42 13.00
C SER C 93 1.15 -22.89 14.28
N ILE C 94 1.61 -22.35 15.42
CA ILE C 94 1.23 -22.83 16.74
C ILE C 94 0.66 -21.66 17.55
N ASN C 95 -0.47 -21.88 18.18
CA ASN C 95 -1.05 -20.85 19.03
C ASN C 95 -0.29 -20.74 20.34
N PHE C 96 0.18 -19.53 20.65
CA PHE C 96 0.96 -19.30 21.86
C PHE C 96 -0.02 -19.01 23.00
N LEU C 97 -0.04 -19.91 23.99
CA LEU C 97 -0.98 -19.81 25.10
C LEU C 97 -0.87 -18.44 25.78
N PRO C 98 -1.93 -17.60 25.73
CA PRO C 98 -1.82 -16.18 26.12
C PRO C 98 -0.93 -15.92 27.33
N ASN C 99 0.16 -15.21 27.06
CA ASN C 99 1.35 -15.13 27.91
C ASN C 99 1.06 -15.12 29.40
N ALA C 100 1.41 -16.21 30.08
CA ALA C 100 1.52 -16.15 31.53
C ALA C 100 2.53 -15.08 31.86
N ILE C 101 2.06 -13.94 32.41
CA ILE C 101 2.91 -12.78 32.63
C ILE C 101 4.15 -13.16 33.43
N TYR C 102 4.06 -14.22 34.25
CA TYR C 102 5.26 -14.91 34.70
C TYR C 102 6.03 -15.37 33.46
N VAL C 103 6.71 -14.43 32.81
CA VAL C 103 7.28 -14.64 31.48
C VAL C 103 8.75 -14.98 31.65
N PRO C 104 9.17 -16.22 31.39
CA PRO C 104 10.60 -16.54 31.46
C PRO C 104 11.27 -16.53 30.09
N GLU C 105 10.48 -16.68 29.02
CA GLU C 105 10.95 -16.71 27.64
C GLU C 105 11.90 -17.88 27.38
N ARG C 106 12.88 -18.08 28.27
CA ARG C 106 13.99 -18.99 28.02
C ARG C 106 13.76 -20.38 28.61
N CYS C 107 12.51 -20.78 28.83
CA CYS C 107 12.15 -22.18 28.94
C CYS C 107 11.86 -22.79 27.57
N ILE C 108 12.27 -22.11 26.51
CA ILE C 108 12.03 -22.51 25.13
C ILE C 108 12.79 -23.77 24.73
N ARG C 109 13.66 -24.28 25.61
CA ARG C 109 14.51 -25.40 25.27
C ARG C 109 13.70 -26.64 24.89
N THR C 110 12.52 -26.82 25.48
CA THR C 110 11.68 -27.96 25.11
C THR C 110 11.25 -27.88 23.65
N THR C 111 10.92 -26.67 23.18
CA THR C 111 10.55 -26.48 21.78
C THR C 111 11.74 -26.71 20.87
N LEU C 112 12.88 -26.10 21.21
CA LEU C 112 14.09 -26.27 20.40
C LEU C 112 14.50 -27.73 20.30
N GLU C 113 14.38 -28.47 21.40
CA GLU C 113 14.78 -29.88 21.38
C GLU C 113 13.84 -30.72 20.53
N ALA C 114 12.53 -30.46 20.64
CA ALA C 114 11.55 -31.16 19.81
C ALA C 114 11.81 -30.93 18.33
N ALA C 115 12.02 -29.67 17.95
CA ALA C 115 12.30 -29.35 16.54
C ALA C 115 13.52 -30.14 16.07
N LYS C 116 14.59 -30.15 16.86
CA LYS C 116 15.80 -30.86 16.51
C LYS C 116 15.55 -32.36 16.39
N ARG C 117 14.87 -32.94 17.37
CA ARG C 117 14.62 -34.38 17.36
C ARG C 117 13.85 -34.80 16.11
N TYR C 118 12.90 -33.96 15.67
CA TYR C 118 12.07 -34.25 14.51
C TYR C 118 12.58 -33.58 13.25
N GLN C 119 13.76 -32.97 13.29
CA GLN C 119 14.41 -32.42 12.09
C GLN C 119 13.52 -31.40 11.40
N PHE C 120 12.88 -30.54 12.20
CA PHE C 120 11.96 -29.54 11.70
C PHE C 120 12.60 -28.18 11.87
N PRO C 121 12.86 -27.45 10.79
CA PRO C 121 13.54 -26.15 10.90
C PRO C 121 12.78 -25.16 11.78
N ILE C 122 13.52 -24.50 12.67
CA ILE C 122 12.98 -23.43 13.51
C ILE C 122 12.30 -22.37 12.65
N GLU C 123 12.95 -22.02 11.54
CA GLU C 123 12.44 -21.04 10.60
C GLU C 123 11.14 -21.47 9.94
N ASN C 124 10.73 -22.74 10.08
CA ASN C 124 9.44 -23.17 9.56
C ASN C 124 8.37 -23.26 10.63
N ILE C 125 8.65 -22.77 11.83
CA ILE C 125 7.67 -22.74 12.91
C ILE C 125 7.27 -21.30 13.15
N MET C 126 5.98 -21.05 13.14
CA MET C 126 5.43 -19.73 13.41
C MET C 126 4.62 -19.79 14.69
N PHE C 127 4.77 -18.78 15.55
CA PHE C 127 3.97 -18.67 16.75
C PHE C 127 2.97 -17.54 16.58
N GLU C 128 1.71 -17.84 16.88
CA GLU C 128 0.62 -16.88 16.78
C GLU C 128 0.30 -16.36 18.17
N PHE C 129 0.36 -15.05 18.37
CA PHE C 129 0.27 -14.45 19.70
C PHE C 129 -1.12 -13.85 19.89
N THR C 130 -1.79 -14.27 20.96
CA THR C 130 -3.01 -13.66 21.44
C THR C 130 -2.74 -13.13 22.83
N GLU C 131 -3.16 -11.90 23.10
CA GLU C 131 -2.90 -11.36 24.43
C GLU C 131 -3.89 -11.96 25.44
N ALA C 132 -3.45 -12.04 26.70
CA ALA C 132 -4.22 -12.68 27.76
C ALA C 132 -5.22 -11.75 28.42
N GLU C 133 -5.05 -10.44 28.23
CA GLU C 133 -5.86 -9.42 28.87
C GLU C 133 -5.51 -8.11 28.19
N ARG C 134 -6.18 -7.04 28.61
CA ARG C 134 -5.77 -5.70 28.21
C ARG C 134 -4.30 -5.50 28.56
N VAL C 135 -3.49 -5.11 27.57
CA VAL C 135 -2.06 -4.90 27.80
C VAL C 135 -1.85 -3.42 28.06
N GLU C 136 -1.38 -3.09 29.27
CA GLU C 136 -1.02 -1.73 29.64
C GLU C 136 0.42 -1.41 29.28
N ASP C 137 1.34 -2.32 29.59
CA ASP C 137 2.74 -2.20 29.21
C ASP C 137 3.00 -3.24 28.11
N VAL C 138 3.19 -2.75 26.88
CA VAL C 138 3.45 -3.62 25.74
C VAL C 138 4.79 -4.32 25.81
N ASN C 139 5.65 -3.93 26.75
CA ASN C 139 7.03 -4.40 26.71
C ASN C 139 7.16 -5.89 27.02
N HIS C 140 6.24 -6.46 27.80
CA HIS C 140 6.40 -7.87 28.13
C HIS C 140 6.07 -8.77 26.94
N ILE C 141 5.03 -8.44 26.18
CA ILE C 141 4.75 -9.24 25.00
C ILE C 141 5.72 -8.87 23.87
N LYS C 142 6.16 -7.61 23.82
CA LYS C 142 7.19 -7.20 22.88
C LYS C 142 8.46 -8.04 23.08
N ARG C 143 8.91 -8.17 24.34
CA ARG C 143 10.14 -8.90 24.63
C ARG C 143 10.06 -10.36 24.17
N ILE C 144 8.91 -11.00 24.33
CA ILE C 144 8.77 -12.39 23.91
C ILE C 144 8.82 -12.49 22.38
N VAL C 145 8.09 -11.63 21.69
CA VAL C 145 8.06 -11.67 20.23
C VAL C 145 9.46 -11.44 19.67
N GLU C 146 10.16 -10.44 20.19
CA GLU C 146 11.51 -10.15 19.70
C GLU C 146 12.46 -11.30 19.96
N TYR C 147 12.34 -11.93 21.13
CA TYR C 147 13.21 -13.05 21.45
C TYR C 147 12.99 -14.21 20.50
N TYR C 148 11.73 -14.56 20.25
CA TYR C 148 11.41 -15.64 19.32
C TYR C 148 11.93 -15.34 17.92
N LYS C 149 11.74 -14.10 17.46
CA LYS C 149 12.29 -13.69 16.18
C LYS C 149 13.80 -13.88 16.15
N SER C 150 14.48 -13.54 17.25
CA SER C 150 15.93 -13.66 17.29
C SER C 150 16.39 -15.12 17.23
N LEU C 151 15.54 -16.05 17.68
CA LEU C 151 15.91 -17.47 17.60
C LEU C 151 15.65 -18.07 16.22
N GLY C 152 14.92 -17.36 15.35
CA GLY C 152 14.62 -17.81 14.01
C GLY C 152 13.16 -18.13 13.75
N PHE C 153 12.31 -18.10 14.77
CA PHE C 153 10.90 -18.40 14.56
C PHE C 153 10.23 -17.31 13.76
N GLN C 154 9.17 -17.69 13.03
CA GLN C 154 8.24 -16.71 12.52
C GLN C 154 7.23 -16.33 13.62
N THR C 155 6.68 -15.12 13.54
CA THR C 155 5.74 -14.63 14.53
C THR C 155 4.53 -14.01 13.84
N ALA C 156 3.38 -14.12 14.49
CA ALA C 156 2.15 -13.53 13.98
C ALA C 156 1.34 -12.95 15.12
N ILE C 157 0.65 -11.83 14.84
CA ILE C 157 -0.45 -11.40 15.68
C ILE C 157 -1.68 -12.16 15.22
N ASP C 158 -2.29 -12.91 16.14
CA ASP C 158 -3.34 -13.86 15.77
C ASP C 158 -4.68 -13.18 15.54
N ASP C 159 -5.01 -12.17 16.32
CA ASP C 159 -6.41 -11.76 16.38
C ASP C 159 -6.55 -10.27 16.08
N PHE C 160 -6.02 -9.81 14.94
CA PHE C 160 -6.21 -8.41 14.57
C PHE C 160 -7.65 -8.13 14.17
N GLY C 161 -8.29 -7.13 14.81
CA GLY C 161 -9.66 -6.83 14.49
C GLY C 161 -10.69 -7.45 15.42
N SER C 162 -10.24 -8.15 16.46
CA SER C 162 -11.14 -8.70 17.45
C SER C 162 -10.42 -8.71 18.78
N GLY C 163 -11.15 -8.93 19.85
CA GLY C 163 -10.50 -9.05 21.14
C GLY C 163 -9.84 -7.78 21.65
N TYR C 164 -8.54 -7.85 21.91
CA TYR C 164 -7.82 -6.68 22.41
C TYR C 164 -7.24 -5.91 21.25
N SER C 165 -6.79 -4.68 21.53
CA SER C 165 -6.41 -3.76 20.45
C SER C 165 -5.13 -4.22 19.77
N GLY C 166 -5.25 -4.59 18.49
CA GLY C 166 -4.09 -4.94 17.70
C GLY C 166 -3.20 -3.76 17.40
N LEU C 167 -3.78 -2.56 17.24
CA LEU C 167 -2.96 -1.38 16.95
C LEU C 167 -2.09 -1.01 18.13
N ASN C 168 -2.56 -1.27 19.35
CA ASN C 168 -1.74 -1.02 20.53
C ASN C 168 -0.45 -1.86 20.47
N LEU C 169 -0.54 -3.07 19.96
CA LEU C 169 0.65 -3.90 19.78
C LEU C 169 1.53 -3.34 18.67
N LEU C 170 0.95 -3.14 17.48
CA LEU C 170 1.75 -2.78 16.30
C LEU C 170 2.47 -1.44 16.45
N ALA C 171 1.98 -0.56 17.32
CA ALA C 171 2.65 0.73 17.53
C ALA C 171 4.05 0.57 18.08
N ASP C 172 4.32 -0.53 18.80
CA ASP C 172 5.61 -0.69 19.45
C ASP C 172 6.42 -1.90 19.00
N PHE C 173 5.83 -2.84 18.26
CA PHE C 173 6.61 -3.92 17.63
C PHE C 173 5.83 -4.51 16.48
N GLN C 174 6.53 -5.23 15.61
CA GLN C 174 5.89 -5.79 14.42
C GLN C 174 6.25 -7.26 14.29
N THR C 175 5.24 -8.09 14.10
CA THR C 175 5.45 -9.48 13.80
C THR C 175 5.73 -9.63 12.32
N ASN C 176 6.05 -10.85 11.90
CA ASN C 176 6.21 -11.11 10.46
C ASN C 176 4.87 -11.05 9.75
N ILE C 177 3.84 -11.61 10.38
CA ILE C 177 2.50 -11.75 9.82
C ILE C 177 1.50 -11.16 10.79
N VAL C 178 0.42 -10.61 10.26
CA VAL C 178 -0.74 -10.22 11.07
C VAL C 178 -1.94 -10.97 10.51
N LYS C 179 -2.57 -11.80 11.33
CA LYS C 179 -3.77 -12.53 10.93
C LYS C 179 -4.98 -11.65 11.21
N VAL C 180 -5.83 -11.47 10.21
CA VAL C 180 -6.98 -10.58 10.34
C VAL C 180 -8.20 -11.40 10.71
N ASP C 181 -8.90 -11.00 11.79
CA ASP C 181 -10.00 -11.80 12.31
C ASP C 181 -11.11 -11.94 11.27
N MET C 182 -11.81 -13.07 11.30
CA MET C 182 -12.84 -13.32 10.31
C MET C 182 -13.98 -12.31 10.39
N GLY C 183 -14.19 -11.70 11.57
CA GLY C 183 -15.22 -10.68 11.68
C GLY C 183 -15.01 -9.52 10.72
N LEU C 184 -13.75 -9.19 10.40
CA LEU C 184 -13.49 -8.11 9.46
C LEU C 184 -13.59 -8.57 8.01
N ILE C 185 -13.49 -9.88 7.80
CA ILE C 185 -13.47 -10.51 6.48
C ILE C 185 -14.88 -10.85 6.01
N ARG C 186 -15.79 -11.15 6.95
CA ARG C 186 -17.09 -11.74 6.61
C ARG C 186 -17.87 -10.82 5.68
N ASN C 187 -18.25 -11.37 4.52
CA ASN C 187 -19.06 -10.67 3.52
C ASN C 187 -18.38 -9.40 3.02
N ILE C 188 -17.04 -9.35 3.05
CA ILE C 188 -16.35 -8.10 2.74
C ILE C 188 -16.60 -7.67 1.30
N HIS C 189 -16.92 -8.62 0.41
CA HIS C 189 -17.21 -8.28 -0.98
C HIS C 189 -18.44 -7.38 -1.14
N ALA C 190 -19.30 -7.30 -0.12
CA ALA C 190 -20.53 -6.51 -0.24
C ALA C 190 -20.71 -5.56 0.94
N ASP C 191 -19.65 -5.24 1.66
CA ASP C 191 -19.75 -4.45 2.89
C ASP C 191 -18.77 -3.29 2.77
N GLN C 192 -19.28 -2.09 2.42
CA GLN C 192 -18.35 -0.99 2.15
C GLN C 192 -17.56 -0.58 3.37
N VAL C 193 -18.13 -0.74 4.58
CA VAL C 193 -17.37 -0.40 5.79
C VAL C 193 -16.18 -1.35 5.93
N ARG C 194 -16.42 -2.65 5.84
CA ARG C 194 -15.31 -3.59 5.93
C ARG C 194 -14.31 -3.40 4.79
N GLN C 195 -14.79 -3.03 3.60
CA GLN C 195 -13.90 -2.73 2.48
C GLN C 195 -12.95 -1.59 2.83
N SER C 196 -13.48 -0.52 3.43
CA SER C 196 -12.62 0.60 3.77
C SER C 196 -11.67 0.24 4.91
N ILE C 197 -12.15 -0.53 5.90
CA ILE C 197 -11.27 -0.95 6.99
C ILE C 197 -10.09 -1.75 6.45
N MET C 198 -10.39 -2.74 5.60
CA MET C 198 -9.32 -3.59 5.10
C MET C 198 -8.39 -2.85 4.14
N LYS C 199 -8.94 -2.01 3.25
CA LYS C 199 -8.06 -1.33 2.31
C LYS C 199 -7.05 -0.48 3.04
N ASN C 200 -7.49 0.20 4.09
CA ASN C 200 -6.57 1.05 4.84
C ASN C 200 -5.65 0.26 5.76
N CYS C 201 -6.12 -0.86 6.34
CA CYS C 201 -5.22 -1.68 7.14
C CYS C 201 -4.16 -2.34 6.27
N LEU C 202 -4.53 -2.73 5.06
CA LEU C 202 -3.54 -3.35 4.17
C LEU C 202 -2.44 -2.37 3.80
N LYS C 203 -2.80 -1.09 3.61
CA LYS C 203 -1.78 -0.08 3.39
C LYS C 203 -0.92 0.10 4.65
N LEU C 204 -1.54 0.06 5.83
CA LEU C 204 -0.76 0.12 7.06
C LEU C 204 0.22 -1.05 7.15
N PHE C 205 -0.26 -2.27 6.92
CA PHE C 205 0.61 -3.44 7.04
C PHE C 205 1.78 -3.35 6.07
N SER C 206 1.51 -2.89 4.85
CA SER C 206 2.60 -2.68 3.88
C SER C 206 3.60 -1.64 4.38
N ASP C 207 3.09 -0.51 4.91
CA ASP C 207 3.96 0.52 5.47
C ASP C 207 4.82 -0.03 6.61
N LEU C 208 4.35 -1.05 7.31
CA LEU C 208 5.05 -1.62 8.44
C LEU C 208 5.84 -2.88 8.07
N ASN C 209 5.87 -3.24 6.79
CA ASN C 209 6.53 -4.45 6.29
C ASN C 209 6.02 -5.70 6.99
N ILE C 210 4.69 -5.79 7.13
CA ILE C 210 4.04 -6.95 7.72
C ILE C 210 3.18 -7.60 6.65
N GLN C 211 3.18 -8.94 6.64
CA GLN C 211 2.41 -9.68 5.66
C GLN C 211 1.03 -9.99 6.21
N PRO C 212 -0.05 -9.61 5.55
CA PRO C 212 -1.39 -9.89 6.07
C PRO C 212 -1.81 -11.31 5.76
N LEU C 213 -2.70 -11.84 6.60
CA LEU C 213 -3.27 -13.17 6.39
C LEU C 213 -4.74 -13.10 6.77
N ALA C 214 -5.63 -13.37 5.83
CA ALA C 214 -7.07 -13.25 6.13
C ALA C 214 -7.62 -14.57 6.69
N GLU C 215 -8.25 -14.52 7.86
CA GLU C 215 -8.82 -15.70 8.51
C GLU C 215 -10.31 -15.84 8.22
N GLY C 216 -10.77 -17.09 8.34
CA GLY C 216 -12.19 -17.38 8.31
C GLY C 216 -12.86 -17.11 6.98
N VAL C 217 -12.13 -17.24 5.87
CA VAL C 217 -12.73 -17.11 4.55
C VAL C 217 -13.70 -18.27 4.33
N GLU C 218 -14.96 -17.95 4.04
CA GLU C 218 -15.99 -18.97 3.92
C GLU C 218 -16.64 -19.05 2.55
N SER C 219 -16.38 -18.10 1.66
CA SER C 219 -17.03 -18.14 0.36
C SER C 219 -16.05 -17.73 -0.72
N HIS C 220 -16.33 -18.17 -1.95
CA HIS C 220 -15.55 -17.70 -3.08
C HIS C 220 -15.63 -16.18 -3.19
N ALA C 221 -16.79 -15.57 -2.91
CA ALA C 221 -16.92 -14.13 -3.08
C ALA C 221 -15.96 -13.37 -2.18
N GLU C 222 -15.77 -13.84 -0.94
CA GLU C 222 -14.82 -13.21 -0.03
C GLU C 222 -13.39 -13.38 -0.55
N PHE C 223 -13.04 -14.60 -0.93
CA PHE C 223 -11.71 -14.88 -1.45
C PHE C 223 -11.38 -13.98 -2.63
N ALA C 224 -12.32 -13.81 -3.56
CA ALA C 224 -12.04 -13.04 -4.76
C ALA C 224 -11.80 -11.57 -4.43
N TRP C 225 -12.58 -11.02 -3.50
CA TRP C 225 -12.35 -9.64 -3.12
C TRP C 225 -10.99 -9.47 -2.45
N LEU C 226 -10.68 -10.34 -1.48
CA LEU C 226 -9.41 -10.26 -0.75
C LEU C 226 -8.23 -10.43 -1.68
N LYS C 227 -8.35 -11.32 -2.67
CA LYS C 227 -7.26 -11.50 -3.62
C LYS C 227 -7.05 -10.24 -4.44
N ALA C 228 -8.14 -9.62 -4.91
CA ALA C 228 -8.01 -8.37 -5.65
C ALA C 228 -7.44 -7.27 -4.78
N ALA C 229 -7.76 -7.27 -3.47
CA ALA C 229 -7.27 -6.24 -2.56
C ALA C 229 -5.78 -6.39 -2.25
N GLY C 230 -5.18 -7.53 -2.60
CA GLY C 230 -3.75 -7.75 -2.47
C GLY C 230 -3.36 -8.71 -1.39
N VAL C 231 -4.32 -9.39 -0.76
CA VAL C 231 -4.01 -10.38 0.25
C VAL C 231 -3.56 -11.64 -0.46
N GLU C 232 -2.41 -12.17 -0.05
CA GLU C 232 -1.94 -13.45 -0.60
C GLU C 232 -2.28 -14.62 0.33
N LEU C 233 -1.95 -14.51 1.60
CA LEU C 233 -2.17 -15.60 2.54
C LEU C 233 -3.60 -15.61 3.06
N MET C 234 -4.27 -16.77 2.97
CA MET C 234 -5.63 -16.87 3.49
C MET C 234 -5.86 -18.22 4.14
N GLN C 235 -6.93 -18.28 4.93
CA GLN C 235 -7.26 -19.45 5.70
C GLN C 235 -8.77 -19.45 5.94
N GLY C 236 -9.37 -20.63 6.02
CA GLY C 236 -10.79 -20.70 6.30
C GLY C 236 -11.45 -21.91 5.68
N TYR C 237 -12.69 -22.13 6.11
CA TYR C 237 -13.47 -23.28 5.67
C TYR C 237 -13.63 -23.33 4.17
N TYR C 238 -13.58 -22.17 3.48
CA TYR C 238 -13.67 -22.21 2.04
C TYR C 238 -12.53 -23.06 1.46
N PHE C 239 -11.34 -22.93 2.04
CA PHE C 239 -10.21 -23.73 1.55
C PHE C 239 -10.23 -25.15 2.13
N ALA C 240 -10.36 -25.26 3.45
CA ALA C 240 -10.46 -26.56 4.09
C ALA C 240 -10.74 -26.37 5.58
N LYS C 241 -11.57 -27.25 6.14
CA LYS C 241 -11.74 -27.31 7.57
C LYS C 241 -10.51 -27.98 8.19
N PRO C 242 -10.27 -27.78 9.49
CA PRO C 242 -9.17 -28.50 10.15
C PRO C 242 -9.33 -30.00 10.01
N GLY C 243 -8.20 -30.68 9.83
CA GLY C 243 -8.23 -32.13 9.75
C GLY C 243 -7.66 -32.80 10.98
N PHE C 244 -8.45 -33.66 11.61
CA PHE C 244 -7.99 -34.37 12.81
C PHE C 244 -6.80 -35.26 12.48
N GLU C 245 -5.65 -34.96 13.10
CA GLU C 245 -4.40 -35.72 12.90
C GLU C 245 -4.11 -35.95 11.42
N SER C 246 -4.31 -34.91 10.62
CA SER C 246 -4.10 -35.07 9.18
C SER C 246 -3.86 -33.70 8.55
N LEU C 247 -3.30 -33.71 7.35
CA LEU C 247 -3.09 -32.46 6.64
C LEU C 247 -4.11 -32.38 5.50
N PRO C 248 -5.20 -31.64 5.67
CA PRO C 248 -6.24 -31.61 4.65
C PRO C 248 -5.72 -31.05 3.33
N SER C 249 -6.20 -31.62 2.22
CA SER C 249 -6.05 -30.96 0.94
C SER C 249 -7.02 -29.78 0.86
N VAL C 250 -6.78 -28.91 -0.12
CA VAL C 250 -7.56 -27.68 -0.26
C VAL C 250 -8.57 -27.81 -1.39
N ASN C 251 -9.70 -27.09 -1.24
CA ASN C 251 -10.76 -26.93 -2.23
C ASN C 251 -10.23 -26.95 -3.66
N PRO C 252 -10.72 -27.88 -4.50
CA PRO C 252 -10.24 -27.91 -5.90
C PRO C 252 -10.63 -26.69 -6.71
N GLU C 253 -11.72 -26.02 -6.36
CA GLU C 253 -12.05 -24.76 -7.04
C GLU C 253 -10.91 -23.76 -6.95
N PHE C 254 -10.16 -23.79 -5.85
CA PHE C 254 -9.00 -22.93 -5.65
C PHE C 254 -7.72 -23.52 -6.25
N SER C 255 -7.46 -24.80 -5.95
CA SER C 255 -6.15 -25.38 -6.25
C SER C 255 -6.01 -25.74 -7.73
N GLU C 256 -7.12 -26.02 -8.42
CA GLU C 256 -7.11 -26.44 -9.82
C GLU C 256 -7.34 -25.28 -10.79
N ALA C 257 -7.05 -24.06 -10.38
CA ALA C 257 -7.27 -22.90 -11.22
C ALA C 257 -5.99 -22.43 -11.93
N LEU E 22 -26.91 6.60 47.10
CA LEU E 22 -25.60 5.99 47.33
C LEU E 22 -25.21 6.11 48.80
N ASP E 23 -23.91 5.99 49.07
CA ASP E 23 -23.39 6.19 50.42
C ASP E 23 -22.08 6.98 50.40
N PHE E 24 -21.72 7.56 49.25
CA PHE E 24 -20.58 8.46 49.12
C PHE E 24 -20.96 9.53 48.12
N ASP E 25 -20.18 10.60 48.07
CA ASP E 25 -20.45 11.70 47.16
C ASP E 25 -19.20 11.99 46.35
N PHE E 26 -19.38 12.79 45.31
CA PHE E 26 -18.31 13.15 44.39
C PHE E 26 -18.81 14.32 43.55
N THR E 27 -17.90 14.87 42.75
CA THR E 27 -18.27 15.96 41.85
C THR E 27 -17.49 15.74 40.55
N MET E 28 -17.36 16.78 39.72
CA MET E 28 -16.78 16.64 38.40
C MET E 28 -15.66 17.67 38.19
N ALA E 29 -14.68 17.28 37.39
CA ALA E 29 -13.80 18.21 36.71
C ALA E 29 -14.11 18.20 35.22
N PHE E 30 -13.58 19.18 34.50
CA PHE E 30 -13.89 19.35 33.09
C PHE E 30 -12.61 19.65 32.32
N GLN E 31 -12.41 18.96 31.19
CA GLN E 31 -11.23 19.19 30.37
C GLN E 31 -11.64 19.61 28.97
N PRO E 32 -11.10 20.71 28.44
CA PRO E 32 -11.54 21.20 27.13
C PRO E 32 -11.09 20.32 25.99
N ILE E 33 -11.92 20.26 24.96
CA ILE E 33 -11.57 19.70 23.65
C ILE E 33 -11.52 20.87 22.69
N VAL E 34 -10.42 20.99 21.95
CA VAL E 34 -10.19 22.14 21.08
C VAL E 34 -10.37 21.72 19.63
N ASN E 35 -11.02 22.56 18.83
CA ASN E 35 -10.97 22.42 17.38
C ASN E 35 -9.82 23.27 16.85
N CYS E 36 -8.74 22.61 16.40
CA CYS E 36 -7.55 23.35 15.99
C CYS E 36 -7.71 24.03 14.64
N ARG E 37 -8.69 23.63 13.84
CA ARG E 37 -8.89 24.26 12.54
C ARG E 37 -9.65 25.57 12.68
N THR E 38 -10.74 25.55 13.42
CA THR E 38 -11.54 26.75 13.66
C THR E 38 -11.05 27.56 14.85
N LYS E 39 -10.15 27.00 15.66
CA LYS E 39 -9.63 27.64 16.87
C LYS E 39 -10.74 27.98 17.86
N GLU E 40 -11.71 27.08 17.95
CA GLU E 40 -12.84 27.19 18.87
C GLU E 40 -12.79 26.04 19.86
N ILE E 41 -13.45 26.23 21.01
CA ILE E 41 -13.64 25.13 21.94
C ILE E 41 -14.80 24.30 21.44
N PHE E 42 -14.55 23.00 21.22
CA PHE E 42 -15.59 22.08 20.82
C PHE E 42 -16.48 21.71 22.01
N GLY E 43 -15.88 21.53 23.17
CA GLY E 43 -16.64 21.14 24.35
C GLY E 43 -15.70 20.76 25.47
N TYR E 44 -16.26 20.09 26.49
CA TYR E 44 -15.50 19.66 27.66
C TYR E 44 -15.88 18.23 28.03
N GLU E 45 -14.87 17.43 28.36
CA GLU E 45 -15.12 16.11 28.94
C GLU E 45 -15.28 16.24 30.45
N ALA E 46 -16.35 15.63 30.97
CA ALA E 46 -16.55 15.57 32.42
C ALA E 46 -15.81 14.37 33.01
N LEU E 47 -15.10 14.60 34.12
CA LEU E 47 -14.28 13.59 34.77
C LEU E 47 -14.57 13.56 36.26
N VAL E 48 -14.87 12.38 36.79
CA VAL E 48 -15.24 12.25 38.19
C VAL E 48 -14.08 12.62 39.11
N ARG E 49 -14.41 13.33 40.19
CA ARG E 49 -13.46 13.72 41.22
C ARG E 49 -14.15 13.69 42.59
N GLY E 50 -13.34 13.54 43.63
CA GLY E 50 -13.86 13.63 44.98
C GLY E 50 -14.19 15.07 45.37
N LEU E 51 -14.97 15.20 46.45
CA LEU E 51 -15.43 16.52 46.90
C LEU E 51 -14.28 17.45 47.22
N ASN E 52 -13.12 16.90 47.61
CA ASN E 52 -11.91 17.70 47.81
C ASN E 52 -10.88 17.39 46.74
N ASN E 53 -11.35 17.16 45.51
CA ASN E 53 -10.52 16.95 44.34
C ASN E 53 -9.71 15.65 44.44
N GLU E 54 -10.27 14.64 45.11
CA GLU E 54 -9.68 13.32 45.08
C GLU E 54 -9.71 12.76 43.65
N SER E 55 -8.92 11.71 43.43
CA SER E 55 -8.75 11.17 42.09
C SER E 55 -10.01 10.47 41.61
N ALA E 56 -10.11 10.32 40.29
CA ALA E 56 -11.21 9.56 39.70
C ALA E 56 -11.21 8.12 40.20
N TYR E 57 -10.02 7.49 40.20
CA TYR E 57 -9.91 6.11 40.67
C TYR E 57 -10.41 5.97 42.10
N SER E 58 -10.05 6.92 42.98
CA SER E 58 -10.49 6.85 44.36
C SER E 58 -12.02 6.83 44.44
N VAL E 59 -12.70 7.51 43.53
CA VAL E 59 -14.16 7.49 43.53
C VAL E 59 -14.69 6.23 42.88
N ILE E 60 -14.21 5.92 41.67
CA ILE E 60 -14.77 4.82 40.90
C ILE E 60 -14.48 3.47 41.56
N SER E 61 -13.39 3.36 42.32
CA SER E 61 -13.12 2.10 43.01
C SER E 61 -14.16 1.79 44.07
N ARG E 62 -15.03 2.74 44.42
CA ARG E 62 -16.16 2.50 45.29
C ARG E 62 -17.41 2.03 44.55
N VAL E 63 -17.31 1.84 43.23
CA VAL E 63 -18.43 1.37 42.43
C VAL E 63 -18.38 -0.14 42.34
N ASN E 64 -19.44 -0.80 42.78
CA ASN E 64 -19.54 -2.25 42.78
C ASN E 64 -20.77 -2.67 41.96
N GLU E 65 -21.09 -3.97 42.02
CA GLU E 65 -22.27 -4.48 41.34
C GLU E 65 -23.53 -3.77 41.78
N ASP E 66 -23.60 -3.38 43.06
CA ASP E 66 -24.77 -2.70 43.62
C ASP E 66 -24.74 -1.20 43.40
N ASN E 67 -23.55 -0.60 43.27
CA ASN E 67 -23.44 0.84 43.02
C ASN E 67 -23.70 1.16 41.55
N ARG E 68 -22.85 0.66 40.67
CA ARG E 68 -22.94 0.66 39.22
C ARG E 68 -23.96 1.63 38.63
N TYR E 69 -25.23 1.23 38.62
CA TYR E 69 -26.22 1.95 37.81
C TYR E 69 -26.62 3.27 38.45
N LEU E 70 -26.77 3.33 39.78
CA LEU E 70 -27.03 4.61 40.42
C LEU E 70 -25.85 5.56 40.25
N PHE E 71 -24.63 5.04 40.33
CA PHE E 71 -23.45 5.88 40.16
C PHE E 71 -23.43 6.52 38.77
N ASP E 72 -23.73 5.72 37.74
CA ASP E 72 -23.69 6.24 36.37
C ASP E 72 -24.75 7.31 36.17
N GLN E 73 -25.98 7.06 36.63
CA GLN E 73 -27.01 8.09 36.58
C GLN E 73 -26.54 9.35 37.28
N MET E 74 -25.89 9.18 38.44
CA MET E 74 -25.43 10.33 39.20
C MET E 74 -24.34 11.10 38.46
N CYS E 75 -23.44 10.39 37.79
CA CYS E 75 -22.42 11.06 36.99
C CYS E 75 -23.05 11.96 35.94
N ARG E 76 -24.06 11.45 35.23
CA ARG E 76 -24.69 12.22 34.18
C ARG E 76 -25.34 13.47 34.73
N VAL E 77 -26.13 13.32 35.79
CA VAL E 77 -26.87 14.47 36.31
C VAL E 77 -25.90 15.49 36.88
N LYS E 78 -24.87 15.03 37.60
CA LYS E 78 -23.90 15.96 38.19
C LYS E 78 -23.16 16.73 37.10
N ALA E 79 -22.74 16.04 36.04
CA ALA E 79 -22.04 16.69 34.95
C ALA E 79 -22.92 17.74 34.28
N ILE E 80 -24.17 17.38 33.99
CA ILE E 80 -25.10 18.33 33.36
C ILE E 80 -25.37 19.53 34.27
N ALA E 81 -25.57 19.27 35.57
CA ALA E 81 -25.90 20.36 36.50
C ALA E 81 -24.74 21.32 36.66
N LEU E 82 -23.51 20.79 36.75
CA LEU E 82 -22.35 21.66 36.91
C LEU E 82 -22.05 22.40 35.62
N ALA E 83 -22.16 21.72 34.48
CA ALA E 83 -21.95 22.38 33.19
C ALA E 83 -22.92 23.53 33.02
N ALA E 84 -24.18 23.32 33.40
CA ALA E 84 -25.15 24.39 33.34
C ALA E 84 -24.78 25.51 34.29
N LYS E 85 -24.42 25.18 35.53
CA LYS E 85 -24.07 26.21 36.50
C LYS E 85 -22.85 27.00 36.06
N LEU E 86 -21.90 26.34 35.40
CA LEU E 86 -20.70 27.00 34.93
C LEU E 86 -20.92 27.79 33.64
N GLY E 87 -22.10 27.69 33.04
CA GLY E 87 -22.40 28.43 31.84
C GLY E 87 -21.81 27.84 30.58
N LEU E 88 -21.72 26.51 30.51
CA LEU E 88 -21.16 25.85 29.34
C LEU E 88 -22.04 26.07 28.13
N THR E 89 -21.45 26.59 27.06
CA THR E 89 -22.16 26.83 25.81
C THR E 89 -21.82 25.83 24.71
N SER E 90 -20.78 25.03 24.86
CA SER E 90 -20.40 24.06 23.83
C SER E 90 -20.80 22.65 24.28
N LYS E 91 -20.13 21.63 23.75
CA LYS E 91 -20.58 20.27 23.99
C LYS E 91 -20.09 19.77 25.35
N LEU E 92 -20.87 18.86 25.93
CA LEU E 92 -20.53 18.19 27.18
C LEU E 92 -20.35 16.71 26.87
N SER E 93 -19.16 16.17 27.17
CA SER E 93 -18.83 14.81 26.84
C SER E 93 -18.76 13.99 28.13
N ILE E 94 -19.54 12.92 28.20
CA ILE E 94 -19.69 12.11 29.41
C ILE E 94 -19.22 10.69 29.13
N ASN E 95 -18.46 10.14 30.07
CA ASN E 95 -18.02 8.75 29.97
C ASN E 95 -19.15 7.82 30.37
N PHE E 96 -19.39 6.81 29.54
CA PHE E 96 -20.46 5.84 29.79
C PHE E 96 -19.84 4.64 30.50
N LEU E 97 -20.37 4.30 31.67
CA LEU E 97 -19.87 3.21 32.49
C LEU E 97 -19.87 1.89 31.72
N PRO E 98 -18.70 1.27 31.47
CA PRO E 98 -18.67 0.00 30.73
C PRO E 98 -19.59 -1.07 31.31
N ASN E 99 -19.43 -1.36 32.60
CA ASN E 99 -20.20 -2.42 33.25
C ASN E 99 -21.68 -2.10 33.33
N ALA E 100 -22.16 -1.02 32.72
CA ALA E 100 -23.59 -0.86 32.48
C ALA E 100 -24.01 -1.76 31.34
N ILE E 101 -23.57 -3.02 31.38
CA ILE E 101 -24.07 -4.07 30.51
C ILE E 101 -25.20 -4.76 31.24
N TYR E 102 -26.33 -4.96 30.55
CA TYR E 102 -27.69 -5.26 31.03
C TYR E 102 -28.44 -3.95 31.19
N VAL E 103 -27.82 -2.81 30.90
CA VAL E 103 -28.53 -1.53 30.91
C VAL E 103 -29.60 -1.61 29.83
N PRO E 104 -30.85 -1.38 30.17
CA PRO E 104 -31.87 -1.19 29.14
C PRO E 104 -31.98 0.30 28.83
N GLU E 105 -31.47 0.72 27.68
CA GLU E 105 -31.30 2.14 27.37
C GLU E 105 -32.62 2.91 27.48
N ARG E 106 -33.70 2.23 27.83
CA ARG E 106 -34.97 2.86 28.13
C ARG E 106 -35.04 3.41 29.56
N CYS E 107 -33.93 3.37 30.30
CA CYS E 107 -33.76 4.12 31.53
C CYS E 107 -32.96 5.39 31.32
N ILE E 108 -32.91 5.88 30.08
CA ILE E 108 -32.25 7.13 29.70
C ILE E 108 -33.06 8.31 30.24
N ARG E 109 -34.19 7.99 30.88
CA ARG E 109 -35.14 9.00 31.35
C ARG E 109 -34.47 10.05 32.23
N THR E 110 -33.66 9.62 33.19
CA THR E 110 -33.03 10.55 34.13
C THR E 110 -32.11 11.53 33.41
N THR E 111 -31.47 11.09 32.32
CA THR E 111 -30.60 11.98 31.54
C THR E 111 -31.42 13.00 30.77
N LEU E 112 -32.50 12.55 30.12
CA LEU E 112 -33.34 13.47 29.36
C LEU E 112 -33.99 14.48 30.27
N GLU E 113 -34.40 14.05 31.46
CA GLU E 113 -35.03 14.98 32.39
C GLU E 113 -34.02 15.98 32.92
N ALA E 114 -32.79 15.53 33.20
CA ALA E 114 -31.77 16.44 33.69
C ALA E 114 -31.46 17.49 32.63
N ALA E 115 -31.25 17.06 31.38
CA ALA E 115 -30.97 18.02 30.31
C ALA E 115 -32.12 19.03 30.16
N LYS E 116 -33.37 18.55 30.21
CA LYS E 116 -34.51 19.46 30.11
C LYS E 116 -34.55 20.43 31.27
N ARG E 117 -34.38 19.92 32.50
CA ARG E 117 -34.49 20.78 33.68
C ARG E 117 -33.41 21.84 33.70
N TYR E 118 -32.20 21.50 33.25
CA TYR E 118 -31.09 22.45 33.22
C TYR E 118 -30.97 23.17 31.89
N GLN E 119 -31.92 22.94 30.97
CA GLN E 119 -31.97 23.60 29.67
C GLN E 119 -30.69 23.36 28.87
N PHE E 120 -30.22 22.10 28.89
CA PHE E 120 -29.03 21.74 28.16
C PHE E 120 -29.43 20.92 26.95
N PRO E 121 -29.10 21.37 25.73
CA PRO E 121 -29.59 20.65 24.54
C PRO E 121 -29.06 19.23 24.46
N ILE E 122 -29.96 18.30 24.11
CA ILE E 122 -29.56 16.90 23.92
C ILE E 122 -28.47 16.80 22.86
N GLU E 123 -28.60 17.54 21.77
CA GLU E 123 -27.63 17.44 20.69
C GLU E 123 -26.25 17.96 21.09
N ASN E 124 -26.14 18.61 22.26
CA ASN E 124 -24.84 19.07 22.76
C ASN E 124 -24.26 18.14 23.82
N ILE E 125 -24.88 16.99 24.06
CA ILE E 125 -24.34 15.99 24.96
C ILE E 125 -23.76 14.85 24.13
N MET E 126 -22.52 14.48 24.41
CA MET E 126 -21.85 13.37 23.74
C MET E 126 -21.53 12.29 24.76
N PHE E 127 -21.77 11.04 24.42
CA PHE E 127 -21.42 9.92 25.29
C PHE E 127 -20.23 9.20 24.71
N GLU E 128 -19.24 8.92 25.56
CA GLU E 128 -18.00 8.27 25.16
C GLU E 128 -18.05 6.83 25.65
N PHE E 129 -17.89 5.88 24.73
CA PHE E 129 -18.13 4.47 25.01
C PHE E 129 -16.82 3.72 25.15
N THR E 130 -16.69 2.98 26.27
CA THR E 130 -15.58 2.09 26.54
C THR E 130 -16.15 0.70 26.81
N GLU E 131 -15.56 -0.32 26.20
CA GLU E 131 -16.01 -1.69 26.41
C GLU E 131 -15.69 -2.17 27.82
N ALA E 132 -16.54 -3.05 28.34
CA ALA E 132 -16.35 -3.64 29.66
C ALA E 132 -15.53 -4.92 29.63
N GLU E 133 -15.65 -5.68 28.54
CA GLU E 133 -14.85 -6.87 28.30
C GLU E 133 -14.73 -7.04 26.80
N ARG E 134 -14.08 -8.12 26.38
CA ARG E 134 -14.02 -8.44 24.96
C ARG E 134 -15.42 -8.51 24.36
N VAL E 135 -15.59 -7.82 23.24
CA VAL E 135 -16.89 -7.74 22.57
C VAL E 135 -16.95 -8.85 21.52
N GLU E 136 -17.58 -9.97 21.88
CA GLU E 136 -17.79 -11.03 20.91
C GLU E 136 -19.17 -10.97 20.28
N ASP E 137 -20.16 -10.45 21.00
CA ASP E 137 -21.48 -10.14 20.46
C ASP E 137 -21.62 -8.62 20.46
N VAL E 138 -21.31 -8.01 19.32
CA VAL E 138 -21.34 -6.56 19.19
C VAL E 138 -22.73 -5.96 19.28
N ASN E 139 -23.77 -6.80 19.27
CA ASN E 139 -25.13 -6.26 19.15
C ASN E 139 -25.56 -5.49 20.38
N HIS E 140 -25.04 -5.83 21.56
CA HIS E 140 -25.43 -5.11 22.77
C HIS E 140 -24.93 -3.67 22.74
N ILE E 141 -23.64 -3.48 22.50
CA ILE E 141 -23.11 -2.13 22.50
C ILE E 141 -23.56 -1.38 21.24
N LYS E 142 -23.74 -2.08 20.12
CA LYS E 142 -24.30 -1.44 18.94
C LYS E 142 -25.69 -0.91 19.21
N ARG E 143 -26.52 -1.68 19.91
CA ARG E 143 -27.89 -1.27 20.20
C ARG E 143 -27.91 0.01 21.02
N ILE E 144 -27.04 0.11 22.02
CA ILE E 144 -27.00 1.30 22.86
C ILE E 144 -26.59 2.52 22.06
N VAL E 145 -25.50 2.39 21.31
CA VAL E 145 -24.98 3.54 20.57
C VAL E 145 -26.01 4.02 19.56
N GLU E 146 -26.65 3.10 18.84
CA GLU E 146 -27.61 3.53 17.82
C GLU E 146 -28.85 4.14 18.46
N TYR E 147 -29.28 3.61 19.61
CA TYR E 147 -30.41 4.21 20.32
C TYR E 147 -30.11 5.64 20.74
N TYR E 148 -28.94 5.86 21.36
CA TYR E 148 -28.55 7.21 21.76
C TYR E 148 -28.50 8.15 20.58
N LYS E 149 -28.00 7.68 19.43
CA LYS E 149 -27.93 8.54 18.26
C LYS E 149 -29.32 8.92 17.78
N SER E 150 -30.29 8.00 17.90
CA SER E 150 -31.66 8.29 17.50
C SER E 150 -32.29 9.35 18.39
N LEU E 151 -31.86 9.44 19.65
CA LEU E 151 -32.37 10.44 20.57
C LEU E 151 -31.76 11.82 20.35
N GLY E 152 -30.70 11.91 19.57
CA GLY E 152 -30.04 13.17 19.28
C GLY E 152 -28.69 13.35 19.94
N PHE E 153 -28.29 12.43 20.81
CA PHE E 153 -26.97 12.49 21.42
C PHE E 153 -25.87 12.33 20.38
N GLN E 154 -24.73 12.99 20.63
CA GLN E 154 -23.51 12.62 19.93
C GLN E 154 -22.90 11.40 20.61
N THR E 155 -22.11 10.62 19.85
CA THR E 155 -21.50 9.41 20.35
C THR E 155 -20.04 9.35 19.93
N ALA E 156 -19.22 8.73 20.79
CA ALA E 156 -17.81 8.56 20.49
C ALA E 156 -17.27 7.24 21.01
N ILE E 157 -16.38 6.64 20.24
CA ILE E 157 -15.53 5.56 20.75
C ILE E 157 -14.41 6.20 21.55
N ASP E 158 -14.30 5.86 22.79
CA ASP E 158 -13.35 6.49 23.66
C ASP E 158 -11.93 6.03 23.55
N ASP E 159 -11.71 4.78 23.29
CA ASP E 159 -10.36 4.27 23.52
C ASP E 159 -9.83 3.58 22.29
N PHE E 160 -9.84 4.26 21.14
CA PHE E 160 -9.31 3.65 19.93
C PHE E 160 -7.79 3.58 20.00
N GLY E 161 -7.24 2.40 19.82
CA GLY E 161 -5.80 2.22 19.90
C GLY E 161 -5.27 1.76 21.23
N SER E 162 -6.15 1.43 22.17
CA SER E 162 -5.72 0.75 23.38
C SER E 162 -6.85 -0.15 23.86
N GLY E 163 -6.60 -0.87 24.94
CA GLY E 163 -7.70 -1.59 25.54
C GLY E 163 -8.22 -2.68 24.61
N TYR E 164 -9.51 -2.63 24.31
CA TYR E 164 -10.12 -3.61 23.43
C TYR E 164 -10.11 -3.11 21.99
N SER E 165 -10.35 -4.02 21.04
CA SER E 165 -10.21 -3.67 19.62
C SER E 165 -11.28 -2.68 19.18
N GLY E 166 -10.83 -1.49 18.77
CA GLY E 166 -11.73 -0.50 18.22
C GLY E 166 -12.21 -0.84 16.83
N LEU E 167 -11.39 -1.53 16.04
CA LEU E 167 -11.85 -1.93 14.71
C LEU E 167 -12.96 -2.96 14.79
N ASN E 168 -12.94 -3.81 15.81
CA ASN E 168 -14.02 -4.76 16.02
C ASN E 168 -15.36 -4.04 16.13
N LEU E 169 -15.37 -2.88 16.75
CA LEU E 169 -16.59 -2.08 16.88
C LEU E 169 -16.95 -1.41 15.56
N LEU E 170 -15.98 -0.70 14.95
CA LEU E 170 -16.23 0.10 13.75
C LEU E 170 -16.71 -0.74 12.58
N ALA E 171 -16.41 -2.04 12.56
CA ALA E 171 -16.87 -2.90 11.48
C ALA E 171 -18.38 -3.05 11.49
N ASP E 172 -19.03 -2.86 12.63
CA ASP E 172 -20.45 -3.12 12.75
C ASP E 172 -21.29 -1.87 13.04
N PHE E 173 -20.68 -0.81 13.57
CA PHE E 173 -21.40 0.45 13.74
C PHE E 173 -20.40 1.59 13.79
N GLN E 174 -20.88 2.81 13.58
CA GLN E 174 -20.01 3.97 13.59
C GLN E 174 -20.59 5.04 14.51
N THR E 175 -19.74 5.58 15.37
CA THR E 175 -20.06 6.73 16.20
C THR E 175 -19.77 8.01 15.43
N ASN E 176 -20.19 9.15 16.01
CA ASN E 176 -19.87 10.43 15.37
C ASN E 176 -18.38 10.74 15.44
N ILE E 177 -17.75 10.44 16.58
CA ILE E 177 -16.36 10.76 16.84
C ILE E 177 -15.65 9.48 17.26
N VAL E 178 -14.37 9.37 16.89
CA VAL E 178 -13.50 8.34 17.46
C VAL E 178 -12.35 9.05 18.15
N LYS E 179 -12.20 8.79 19.45
CA LYS E 179 -11.11 9.38 20.22
C LYS E 179 -9.92 8.43 20.15
N VAL E 180 -8.77 8.95 19.77
CA VAL E 180 -7.57 8.13 19.56
C VAL E 180 -6.73 8.18 20.83
N ASP E 181 -6.43 7.01 21.38
CA ASP E 181 -5.72 6.92 22.65
C ASP E 181 -4.37 7.63 22.57
N MET E 182 -3.99 8.25 23.69
CA MET E 182 -2.76 9.04 23.71
C MET E 182 -1.53 8.19 23.46
N GLY E 183 -1.60 6.89 23.77
CA GLY E 183 -0.49 6.00 23.45
C GLY E 183 -0.09 6.03 21.98
N LEU E 184 -1.07 6.18 21.09
CA LEU E 184 -0.77 6.21 19.67
C LEU E 184 -0.21 7.53 19.20
N ILE E 185 -0.48 8.63 19.89
CA ILE E 185 0.03 9.92 19.42
C ILE E 185 1.22 10.41 20.21
N ARG E 186 1.60 9.74 21.29
CA ARG E 186 2.75 10.17 22.08
C ARG E 186 4.00 10.24 21.22
N ASN E 187 4.59 11.44 21.15
CA ASN E 187 5.80 11.71 20.36
C ASN E 187 5.63 11.30 18.90
N ILE E 188 4.44 11.47 18.36
CA ILE E 188 4.16 11.00 17.00
C ILE E 188 4.98 11.75 15.97
N HIS E 189 5.40 12.98 16.27
CA HIS E 189 6.25 13.71 15.33
C HIS E 189 7.60 13.03 15.11
N ALA E 190 7.98 12.13 16.01
CA ALA E 190 9.28 11.47 15.95
C ALA E 190 9.20 9.99 15.59
N ASP E 191 8.02 9.40 15.59
CA ASP E 191 7.85 7.95 15.57
C ASP E 191 7.24 7.55 14.23
N GLN E 192 8.08 7.00 13.33
CA GLN E 192 7.59 6.75 11.98
C GLN E 192 6.48 5.70 11.96
N VAL E 193 6.54 4.70 12.86
CA VAL E 193 5.50 3.67 12.90
C VAL E 193 4.16 4.28 13.35
N ARG E 194 4.19 5.08 14.41
CA ARG E 194 2.97 5.76 14.83
C ARG E 194 2.43 6.70 13.75
N GLN E 195 3.33 7.34 13.00
CA GLN E 195 2.90 8.15 11.86
C GLN E 195 2.15 7.32 10.83
N SER E 196 2.67 6.14 10.49
CA SER E 196 1.98 5.30 9.52
C SER E 196 0.64 4.82 10.05
N ILE E 197 0.58 4.43 11.33
CA ILE E 197 -0.71 4.04 11.91
C ILE E 197 -1.71 5.18 11.80
N MET E 198 -1.30 6.39 12.15
CA MET E 198 -2.26 7.49 12.19
C MET E 198 -2.64 7.94 10.78
N LYS E 199 -1.68 8.01 9.85
CA LYS E 199 -2.03 8.35 8.48
C LYS E 199 -3.10 7.42 7.93
N ASN E 200 -2.91 6.11 8.14
CA ASN E 200 -3.83 5.12 7.60
C ASN E 200 -5.15 5.11 8.37
N CYS E 201 -5.10 5.26 9.70
CA CYS E 201 -6.35 5.32 10.44
C CYS E 201 -7.14 6.58 10.11
N LEU E 202 -6.44 7.71 9.89
CA LEU E 202 -7.17 8.94 9.59
C LEU E 202 -7.88 8.86 8.25
N LYS E 203 -7.27 8.20 7.25
CA LYS E 203 -7.95 7.98 5.99
C LYS E 203 -9.15 7.07 6.18
N LEU E 204 -9.02 6.03 7.02
CA LEU E 204 -10.15 5.18 7.35
C LEU E 204 -11.29 5.98 7.97
N PHE E 205 -10.96 6.82 8.95
CA PHE E 205 -11.98 7.60 9.63
C PHE E 205 -12.69 8.51 8.65
N SER E 206 -11.95 9.10 7.72
CA SER E 206 -12.55 9.94 6.70
C SER E 206 -13.45 9.11 5.78
N ASP E 207 -13.00 7.91 5.39
CA ASP E 207 -13.83 7.06 4.55
C ASP E 207 -15.14 6.70 5.23
N LEU E 208 -15.14 6.60 6.54
CA LEU E 208 -16.32 6.20 7.30
C LEU E 208 -17.14 7.39 7.76
N ASN E 209 -16.69 8.61 7.43
CA ASN E 209 -17.36 9.85 7.84
C ASN E 209 -17.41 9.97 9.36
N ILE E 210 -16.28 9.65 10.00
CA ILE E 210 -16.10 9.76 11.45
C ILE E 210 -15.08 10.85 11.72
N GLN E 211 -15.34 11.70 12.72
CA GLN E 211 -14.40 12.76 13.07
C GLN E 211 -13.41 12.25 14.10
N PRO E 212 -12.11 12.30 13.83
CA PRO E 212 -11.14 11.87 14.82
C PRO E 212 -10.88 12.95 15.85
N LEU E 213 -10.46 12.50 17.02
CA LEU E 213 -10.10 13.37 18.13
C LEU E 213 -8.88 12.76 18.78
N ALA E 214 -7.78 13.50 18.82
CA ALA E 214 -6.53 13.02 19.41
C ALA E 214 -6.51 13.31 20.90
N GLU E 215 -6.36 12.27 21.72
CA GLU E 215 -6.28 12.39 23.17
C GLU E 215 -4.85 12.55 23.67
N GLY E 216 -4.71 13.21 24.82
CA GLY E 216 -3.45 13.26 25.54
C GLY E 216 -2.32 13.96 24.82
N VAL E 217 -2.64 14.99 24.03
CA VAL E 217 -1.59 15.80 23.41
C VAL E 217 -0.87 16.57 24.52
N GLU E 218 0.45 16.41 24.60
CA GLU E 218 1.23 17.03 25.66
C GLU E 218 2.27 18.02 25.17
N SER E 219 2.53 18.11 23.86
CA SER E 219 3.59 18.98 23.39
C SER E 219 3.17 19.69 22.11
N HIS E 220 3.76 20.86 21.86
CA HIS E 220 3.50 21.53 20.59
C HIS E 220 3.85 20.63 19.40
N ALA E 221 4.97 19.90 19.49
CA ALA E 221 5.37 19.08 18.35
C ALA E 221 4.33 18.03 17.98
N GLU E 222 3.71 17.39 18.98
CA GLU E 222 2.61 16.46 18.70
C GLU E 222 1.43 17.19 18.05
N PHE E 223 1.01 18.29 18.65
CA PHE E 223 -0.08 19.08 18.07
C PHE E 223 0.22 19.45 16.62
N ALA E 224 1.42 19.95 16.37
CA ALA E 224 1.76 20.41 15.03
C ALA E 224 1.71 19.27 14.01
N TRP E 225 2.23 18.09 14.38
CA TRP E 225 2.15 16.96 13.46
C TRP E 225 0.70 16.55 13.22
N LEU E 226 -0.09 16.43 14.28
CA LEU E 226 -1.48 16.02 14.11
C LEU E 226 -2.25 17.02 13.26
N LYS E 227 -1.99 18.30 13.46
CA LYS E 227 -2.72 19.31 12.68
C LYS E 227 -2.37 19.19 11.21
N ALA E 228 -1.08 19.04 10.91
CA ALA E 228 -0.67 18.91 9.51
C ALA E 228 -1.19 17.61 8.90
N ALA E 229 -1.43 16.57 9.72
CA ALA E 229 -2.00 15.34 9.19
C ALA E 229 -3.51 15.40 9.00
N GLY E 230 -4.15 16.50 9.39
CA GLY E 230 -5.57 16.69 9.17
C GLY E 230 -6.44 16.55 10.41
N VAL E 231 -5.87 16.32 11.58
CA VAL E 231 -6.67 16.24 12.80
C VAL E 231 -7.14 17.63 13.20
N GLU E 232 -8.43 17.75 13.51
CA GLU E 232 -9.01 19.01 14.00
C GLU E 232 -9.26 18.98 15.51
N LEU E 233 -9.97 17.97 15.99
CA LEU E 233 -10.33 17.91 17.40
C LEU E 233 -9.18 17.30 18.19
N MET E 234 -8.78 17.99 19.26
CA MET E 234 -7.68 17.52 20.11
C MET E 234 -7.98 17.80 21.56
N GLN E 235 -7.30 17.05 22.42
CA GLN E 235 -7.50 17.15 23.86
C GLN E 235 -6.18 16.78 24.53
N GLY E 236 -5.86 17.43 25.65
CA GLY E 236 -4.65 17.04 26.37
C GLY E 236 -4.09 18.17 27.20
N TYR E 237 -3.10 17.81 28.04
CA TYR E 237 -2.44 18.78 28.92
C TYR E 237 -1.80 19.93 28.16
N TYR E 238 -1.47 19.74 26.88
CA TYR E 238 -0.90 20.84 26.11
C TYR E 238 -1.89 21.99 26.01
N PHE E 239 -3.17 21.66 25.91
CA PHE E 239 -4.24 22.65 25.88
C PHE E 239 -4.67 23.06 27.29
N ALA E 240 -5.01 22.09 28.14
CA ALA E 240 -5.38 22.38 29.51
C ALA E 240 -5.58 21.07 30.26
N LYS E 241 -5.12 21.04 31.51
CA LYS E 241 -5.46 19.96 32.43
C LYS E 241 -6.91 20.07 32.87
N PRO E 242 -7.50 18.98 33.38
CA PRO E 242 -8.88 19.06 33.88
C PRO E 242 -9.03 20.09 34.98
N GLY E 243 -10.13 20.83 34.94
CA GLY E 243 -10.35 21.86 35.96
C GLY E 243 -11.38 21.42 36.98
N PHE E 244 -11.02 21.42 38.26
CA PHE E 244 -11.94 20.97 39.30
C PHE E 244 -13.15 21.90 39.40
N GLU E 245 -14.33 21.34 39.13
CA GLU E 245 -15.59 22.11 39.17
C GLU E 245 -15.46 23.42 38.41
N SER E 246 -14.77 23.39 37.28
CA SER E 246 -14.54 24.62 36.52
C SER E 246 -14.29 24.27 35.06
N LEU E 247 -14.36 25.31 34.22
CA LEU E 247 -14.05 25.18 32.81
C LEU E 247 -12.72 25.84 32.51
N PRO E 248 -11.63 25.09 32.39
CA PRO E 248 -10.32 25.71 32.19
C PRO E 248 -10.20 26.40 30.85
N SER E 249 -9.46 27.51 30.84
CA SER E 249 -9.13 28.19 29.60
C SER E 249 -7.96 27.48 28.93
N VAL E 250 -7.81 27.73 27.62
CA VAL E 250 -6.85 27.00 26.79
C VAL E 250 -5.61 27.85 26.55
N ASN E 251 -4.44 27.20 26.59
CA ASN E 251 -3.16 27.79 26.22
C ASN E 251 -3.29 28.61 24.94
N PRO E 252 -2.81 29.85 24.94
CA PRO E 252 -3.00 30.71 23.76
C PRO E 252 -2.08 30.41 22.58
N GLU E 253 -0.98 29.68 22.79
CA GLU E 253 0.06 29.58 21.76
C GLU E 253 -0.40 28.74 20.58
N PHE E 254 -1.20 27.70 20.82
CA PHE E 254 -1.68 26.86 19.72
C PHE E 254 -2.42 27.68 18.67
N SER E 255 -3.11 28.74 19.09
CA SER E 255 -3.86 29.58 18.18
C SER E 255 -2.98 30.56 17.41
N GLU E 256 -1.76 30.82 17.91
CA GLU E 256 -0.87 31.76 17.26
C GLU E 256 -0.14 31.09 16.09
N ALA E 257 1.18 31.16 16.09
CA ALA E 257 2.02 30.65 15.00
C ALA E 257 1.61 31.24 13.66
N LEU G 22 29.73 -4.05 -45.56
CA LEU G 22 29.87 -2.82 -44.78
C LEU G 22 31.00 -1.95 -45.32
N ASP G 23 30.87 -0.64 -45.13
CA ASP G 23 31.91 0.31 -45.49
C ASP G 23 32.90 0.55 -44.35
N PHE G 24 32.66 -0.03 -43.18
CA PHE G 24 33.50 0.18 -42.02
C PHE G 24 33.64 -1.12 -41.26
N ASP G 25 34.62 -1.17 -40.38
CA ASP G 25 34.84 -2.32 -39.51
C ASP G 25 34.84 -1.84 -38.06
N PHE G 26 34.68 -2.79 -37.16
CA PHE G 26 34.59 -2.50 -35.73
C PHE G 26 34.92 -3.78 -34.97
N THR G 27 34.91 -3.67 -33.65
CA THR G 27 35.18 -4.84 -32.80
C THR G 27 34.34 -4.67 -31.52
N MET G 28 34.72 -5.38 -30.46
CA MET G 28 33.90 -5.43 -29.24
C MET G 28 34.74 -5.20 -27.99
N ALA G 29 34.13 -4.53 -27.03
CA ALA G 29 34.54 -4.58 -25.62
C ALA G 29 33.58 -5.47 -24.86
N PHE G 30 33.99 -5.90 -23.67
CA PHE G 30 33.18 -6.81 -22.86
C PHE G 30 33.13 -6.31 -21.43
N GLN G 31 31.94 -6.27 -20.84
CA GLN G 31 31.83 -5.84 -19.46
C GLN G 31 31.21 -6.96 -18.63
N PRO G 32 31.82 -7.33 -17.50
CA PRO G 32 31.28 -8.45 -16.72
C PRO G 32 30.00 -8.09 -15.97
N ILE G 33 29.12 -9.09 -15.86
CA ILE G 33 27.97 -9.10 -14.97
C ILE G 33 28.30 -10.05 -13.83
N VAL G 34 28.14 -9.60 -12.59
CA VAL G 34 28.52 -10.40 -11.44
C VAL G 34 27.26 -10.92 -10.76
N ASN G 35 27.36 -12.13 -10.21
CA ASN G 35 26.34 -12.67 -9.31
C ASN G 35 26.87 -12.47 -7.90
N CYS G 36 26.28 -11.52 -7.16
CA CYS G 36 26.80 -11.20 -5.85
C CYS G 36 26.40 -12.23 -4.82
N ARG G 37 25.45 -13.10 -5.13
CA ARG G 37 25.10 -14.16 -4.20
C ARG G 37 26.10 -15.30 -4.25
N THR G 38 26.55 -15.65 -5.46
CA THR G 38 27.57 -16.68 -5.64
C THR G 38 28.98 -16.12 -5.69
N LYS G 39 29.14 -14.81 -5.89
CA LYS G 39 30.43 -14.16 -6.03
C LYS G 39 31.20 -14.69 -7.23
N GLU G 40 30.46 -15.11 -8.26
CA GLU G 40 31.03 -15.54 -9.53
C GLU G 40 30.49 -14.67 -10.66
N ILE G 41 31.16 -14.76 -11.80
CA ILE G 41 30.79 -13.97 -12.96
C ILE G 41 29.66 -14.66 -13.70
N PHE G 42 28.55 -13.92 -13.91
CA PHE G 42 27.40 -14.44 -14.65
C PHE G 42 27.69 -14.47 -16.15
N GLY G 43 28.40 -13.46 -16.66
CA GLY G 43 28.63 -13.35 -18.08
C GLY G 43 29.20 -11.99 -18.38
N TYR G 44 29.26 -11.68 -19.67
CA TYR G 44 29.76 -10.39 -20.13
C TYR G 44 28.82 -9.84 -21.18
N GLU G 45 28.55 -8.54 -21.11
CA GLU G 45 27.87 -7.83 -22.17
C GLU G 45 28.89 -7.40 -23.21
N ALA G 46 28.59 -7.68 -24.49
CA ALA G 46 29.39 -7.19 -25.60
C ALA G 46 28.97 -5.77 -25.99
N LEU G 47 29.96 -4.91 -26.21
CA LEU G 47 29.74 -3.51 -26.52
C LEU G 47 30.63 -3.09 -27.69
N VAL G 48 30.03 -2.49 -28.73
CA VAL G 48 30.80 -2.17 -29.92
C VAL G 48 31.83 -1.09 -29.62
N ARG G 49 33.01 -1.25 -30.21
CA ARG G 49 34.09 -0.27 -30.17
C ARG G 49 34.67 -0.17 -31.56
N GLY G 50 35.33 0.94 -31.84
CA GLY G 50 36.09 1.06 -33.07
C GLY G 50 37.35 0.23 -33.02
N LEU G 51 38.02 0.12 -34.18
CA LEU G 51 39.21 -0.72 -34.25
C LEU G 51 40.33 -0.23 -33.33
N ASN G 52 40.39 1.06 -33.06
CA ASN G 52 41.37 1.62 -32.12
C ASN G 52 40.68 2.09 -30.84
N ASN G 53 39.67 1.34 -30.41
CA ASN G 53 38.90 1.61 -29.18
C ASN G 53 38.11 2.91 -29.30
N GLU G 54 37.67 3.26 -30.50
CA GLU G 54 36.75 4.37 -30.66
C GLU G 54 35.40 4.04 -30.01
N SER G 55 34.65 5.09 -29.69
CA SER G 55 33.43 4.93 -28.89
C SER G 55 32.37 4.14 -29.66
N ALA G 56 31.47 3.51 -28.91
CA ALA G 56 30.35 2.79 -29.52
C ALA G 56 29.52 3.73 -30.40
N TYR G 57 29.28 4.94 -29.92
CA TYR G 57 28.47 5.87 -30.70
C TYR G 57 29.14 6.22 -32.02
N SER G 58 30.47 6.27 -32.06
CA SER G 58 31.15 6.57 -33.32
C SER G 58 30.89 5.49 -34.37
N VAL G 59 30.73 4.24 -33.93
CA VAL G 59 30.45 3.15 -34.86
C VAL G 59 28.96 3.11 -35.20
N ILE G 60 28.10 3.18 -34.17
CA ILE G 60 26.66 3.04 -34.38
C ILE G 60 26.11 4.21 -35.21
N SER G 61 26.73 5.39 -35.10
CA SER G 61 26.29 6.53 -35.89
C SER G 61 26.46 6.30 -37.39
N ARG G 62 27.23 5.30 -37.79
CA ARG G 62 27.40 4.95 -39.20
C ARG G 62 26.28 4.06 -39.73
N VAL G 63 25.40 3.59 -38.88
CA VAL G 63 24.35 2.65 -39.28
C VAL G 63 23.15 3.43 -39.79
N ASN G 64 22.54 2.92 -40.85
CA ASN G 64 21.37 3.54 -41.45
C ASN G 64 20.42 2.44 -41.92
N GLU G 65 19.32 2.85 -42.56
CA GLU G 65 18.29 1.88 -42.96
C GLU G 65 18.85 0.86 -43.95
N ASP G 66 19.77 1.27 -44.81
CA ASP G 66 20.41 0.34 -45.73
C ASP G 66 21.53 -0.44 -45.06
N ASN G 67 21.86 -0.13 -43.81
CA ASN G 67 22.93 -0.77 -43.06
C ASN G 67 22.46 -1.75 -42.00
N ARG G 68 21.30 -1.48 -41.40
CA ARG G 68 21.01 -1.99 -40.06
C ARG G 68 21.11 -3.50 -39.97
N TYR G 69 20.62 -4.22 -40.98
CA TYR G 69 20.57 -5.68 -40.86
C TYR G 69 21.96 -6.30 -40.99
N LEU G 70 22.76 -5.82 -41.93
CA LEU G 70 24.14 -6.29 -42.04
C LEU G 70 24.93 -5.97 -40.77
N PHE G 71 24.78 -4.75 -40.24
CA PHE G 71 25.48 -4.37 -39.02
C PHE G 71 25.07 -5.26 -37.86
N ASP G 72 23.76 -5.49 -37.70
CA ASP G 72 23.26 -6.29 -36.60
C ASP G 72 23.84 -7.70 -36.64
N GLN G 73 23.87 -8.31 -37.83
CA GLN G 73 24.48 -9.63 -37.95
C GLN G 73 25.98 -9.58 -37.65
N MET G 74 26.64 -8.49 -38.05
CA MET G 74 28.07 -8.39 -37.82
C MET G 74 28.39 -8.25 -36.33
N CYS G 75 27.55 -7.52 -35.59
CA CYS G 75 27.76 -7.44 -34.15
C CYS G 75 27.69 -8.82 -33.50
N ARG G 76 26.68 -9.61 -33.88
CA ARG G 76 26.48 -10.92 -33.26
C ARG G 76 27.64 -11.86 -33.58
N VAL G 77 28.07 -11.90 -34.82
CA VAL G 77 29.13 -12.85 -35.17
C VAL G 77 30.46 -12.42 -34.58
N LYS G 78 30.75 -11.11 -34.61
CA LYS G 78 31.99 -10.62 -34.00
C LYS G 78 32.00 -10.90 -32.50
N ALA G 79 30.85 -10.72 -31.84
CA ALA G 79 30.77 -10.95 -30.40
C ALA G 79 31.00 -12.42 -30.07
N ILE G 80 30.33 -13.32 -30.82
CA ILE G 80 30.51 -14.75 -30.58
C ILE G 80 31.94 -15.17 -30.87
N ALA G 81 32.54 -14.65 -31.94
CA ALA G 81 33.86 -15.13 -32.32
C ALA G 81 34.93 -14.65 -31.34
N LEU G 82 34.81 -13.39 -30.89
CA LEU G 82 35.79 -12.87 -29.93
C LEU G 82 35.61 -13.52 -28.58
N ALA G 83 34.36 -13.72 -28.17
CA ALA G 83 34.10 -14.44 -26.91
C ALA G 83 34.72 -15.83 -26.95
N ALA G 84 34.58 -16.51 -28.09
CA ALA G 84 35.20 -17.82 -28.26
C ALA G 84 36.71 -17.70 -28.19
N LYS G 85 37.29 -16.74 -28.92
CA LYS G 85 38.74 -16.57 -28.95
C LYS G 85 39.31 -16.27 -27.58
N LEU G 86 38.58 -15.47 -26.77
CA LEU G 86 38.97 -15.09 -25.43
C LEU G 86 38.66 -16.17 -24.39
N GLY G 87 38.06 -17.28 -24.80
CA GLY G 87 37.80 -18.37 -23.88
C GLY G 87 36.64 -18.17 -22.93
N LEU G 88 35.62 -17.40 -23.34
CA LEU G 88 34.48 -17.14 -22.47
C LEU G 88 33.73 -18.43 -22.17
N THR G 89 33.50 -18.70 -20.88
CA THR G 89 32.81 -19.91 -20.47
C THR G 89 31.50 -19.64 -19.75
N SER G 90 31.13 -18.37 -19.54
CA SER G 90 29.84 -17.99 -18.96
C SER G 90 28.97 -17.36 -20.05
N LYS G 91 28.03 -16.50 -19.66
CA LYS G 91 27.05 -15.97 -20.59
C LYS G 91 27.66 -14.87 -21.44
N LEU G 92 27.18 -14.77 -22.68
CA LEU G 92 27.49 -13.65 -23.57
C LEU G 92 26.20 -12.89 -23.82
N SER G 93 26.17 -11.59 -23.50
CA SER G 93 24.98 -10.76 -23.63
C SER G 93 25.16 -9.80 -24.79
N ILE G 94 24.23 -9.80 -25.73
CA ILE G 94 24.35 -9.04 -26.97
C ILE G 94 23.16 -8.09 -27.08
N ASN G 95 23.46 -6.83 -27.40
CA ASN G 95 22.44 -5.82 -27.63
C ASN G 95 21.80 -6.05 -28.99
N PHE G 96 20.48 -6.12 -29.00
CA PHE G 96 19.73 -6.35 -30.23
C PHE G 96 19.35 -4.99 -30.80
N LEU G 97 19.88 -4.65 -31.98
CA LEU G 97 19.61 -3.40 -32.67
C LEU G 97 18.11 -3.13 -32.69
N PRO G 98 17.65 -2.09 -31.96
CA PRO G 98 16.23 -1.92 -31.62
C PRO G 98 15.21 -2.48 -32.61
N ASN G 99 14.78 -1.68 -33.59
CA ASN G 99 13.77 -2.12 -34.55
C ASN G 99 14.19 -3.45 -35.15
N ALA G 100 13.49 -4.51 -34.77
CA ALA G 100 14.01 -5.86 -34.89
C ALA G 100 14.16 -6.27 -36.35
N ILE G 101 14.70 -7.47 -36.54
CA ILE G 101 14.90 -8.07 -37.85
C ILE G 101 13.56 -8.44 -38.48
N TYR G 102 12.46 -8.02 -37.83
CA TYR G 102 11.11 -8.17 -38.32
C TYR G 102 10.70 -9.63 -38.47
N VAL G 103 11.35 -10.36 -39.35
CA VAL G 103 11.07 -11.78 -39.53
C VAL G 103 12.17 -12.57 -38.86
N PRO G 104 11.97 -13.03 -37.62
CA PRO G 104 13.07 -13.70 -36.89
C PRO G 104 13.41 -15.07 -37.44
N GLU G 105 13.02 -15.34 -38.69
CA GLU G 105 13.23 -16.67 -39.27
C GLU G 105 14.50 -16.69 -40.12
N ARG G 106 14.50 -15.96 -41.23
CA ARG G 106 15.64 -15.98 -42.13
C ARG G 106 16.89 -15.43 -41.46
N CYS G 107 16.73 -14.43 -40.60
CA CYS G 107 17.88 -13.72 -40.07
C CYS G 107 18.51 -14.40 -38.86
N ILE G 108 17.78 -15.29 -38.17
CA ILE G 108 18.36 -15.96 -37.01
C ILE G 108 19.38 -17.02 -37.43
N ARG G 109 19.35 -17.43 -38.69
CA ARG G 109 20.26 -18.45 -39.22
C ARG G 109 21.72 -18.08 -38.94
N THR G 110 22.09 -16.84 -39.28
CA THR G 110 23.47 -16.40 -39.11
C THR G 110 23.94 -16.58 -37.66
N THR G 111 23.05 -16.33 -36.70
CA THR G 111 23.45 -16.45 -35.30
C THR G 111 23.58 -17.92 -34.88
N LEU G 112 22.63 -18.76 -35.29
CA LEU G 112 22.71 -20.16 -34.93
C LEU G 112 23.95 -20.79 -35.55
N GLU G 113 24.27 -20.41 -36.78
CA GLU G 113 25.44 -20.98 -37.43
C GLU G 113 26.73 -20.52 -36.77
N ALA G 114 26.83 -19.23 -36.44
CA ALA G 114 28.01 -18.74 -35.73
C ALA G 114 28.19 -19.45 -34.40
N ALA G 115 27.10 -19.59 -33.63
CA ALA G 115 27.18 -20.31 -32.36
C ALA G 115 27.69 -21.73 -32.54
N LYS G 116 27.16 -22.44 -33.55
CA LYS G 116 27.60 -23.80 -33.82
C LYS G 116 29.07 -23.82 -34.19
N ARG G 117 29.45 -22.93 -35.11
CA ARG G 117 30.80 -22.99 -35.67
C ARG G 117 31.85 -22.69 -34.61
N TYR G 118 31.53 -21.79 -33.68
CA TYR G 118 32.44 -21.44 -32.61
C TYR G 118 32.19 -22.25 -31.34
N GLN G 119 31.28 -23.23 -31.40
CA GLN G 119 30.96 -24.09 -30.27
C GLN G 119 30.62 -23.28 -29.02
N PHE G 120 29.77 -22.26 -29.21
CA PHE G 120 29.26 -21.47 -28.11
C PHE G 120 27.81 -21.86 -27.89
N PRO G 121 27.47 -22.40 -26.72
CA PRO G 121 26.10 -22.89 -26.50
C PRO G 121 25.06 -21.79 -26.63
N ILE G 122 23.97 -22.11 -27.34
CA ILE G 122 22.91 -21.13 -27.55
C ILE G 122 22.30 -20.69 -26.23
N GLU G 123 22.17 -21.63 -25.28
CA GLU G 123 21.56 -21.25 -24.01
C GLU G 123 22.47 -20.38 -23.15
N ASN G 124 23.72 -20.19 -23.55
CA ASN G 124 24.62 -19.23 -22.93
C ASN G 124 24.65 -17.88 -23.65
N ILE G 125 23.78 -17.67 -24.63
CA ILE G 125 23.66 -16.38 -25.30
C ILE G 125 22.38 -15.71 -24.84
N MET G 126 22.51 -14.48 -24.35
CA MET G 126 21.38 -13.64 -23.97
C MET G 126 21.30 -12.46 -24.91
N PHE G 127 20.10 -12.16 -25.38
CA PHE G 127 19.86 -10.95 -26.16
C PHE G 127 19.14 -9.92 -25.30
N GLU G 128 19.66 -8.69 -25.30
CA GLU G 128 19.08 -7.58 -24.54
C GLU G 128 18.27 -6.70 -25.48
N PHE G 129 17.01 -6.46 -25.14
CA PHE G 129 16.06 -5.80 -26.03
C PHE G 129 15.84 -4.35 -25.62
N THR G 130 16.02 -3.44 -26.57
CA THR G 130 15.73 -2.03 -26.42
C THR G 130 14.76 -1.61 -27.52
N GLU G 131 13.74 -0.86 -27.14
CA GLU G 131 12.76 -0.41 -28.12
C GLU G 131 13.34 0.71 -28.99
N ALA G 132 12.89 0.75 -30.25
CA ALA G 132 13.27 1.82 -31.17
C ALA G 132 12.36 3.04 -31.01
N GLU G 133 11.06 2.84 -31.21
CA GLU G 133 10.06 3.87 -31.07
C GLU G 133 9.08 3.46 -29.98
N ARG G 134 8.06 4.29 -29.76
CA ARG G 134 7.01 3.95 -28.82
C ARG G 134 6.28 2.69 -29.29
N VAL G 135 6.07 1.77 -28.36
CA VAL G 135 5.49 0.46 -28.68
C VAL G 135 3.98 0.62 -28.65
N GLU G 136 3.39 0.82 -29.82
CA GLU G 136 1.93 0.84 -29.93
C GLU G 136 1.39 -0.59 -29.93
N ASP G 137 1.83 -1.41 -30.89
CA ASP G 137 1.54 -2.83 -30.92
C ASP G 137 2.72 -3.58 -30.33
N VAL G 138 2.47 -4.27 -29.20
CA VAL G 138 3.54 -5.00 -28.53
C VAL G 138 3.78 -6.38 -29.13
N ASN G 139 2.93 -6.81 -30.06
CA ASN G 139 3.01 -8.18 -30.55
C ASN G 139 4.33 -8.43 -31.28
N HIS G 140 4.78 -7.46 -32.08
CA HIS G 140 6.00 -7.65 -32.88
C HIS G 140 7.19 -8.00 -31.99
N ILE G 141 7.52 -7.12 -31.05
CA ILE G 141 8.65 -7.40 -30.16
C ILE G 141 8.35 -8.62 -29.29
N LYS G 142 7.10 -8.81 -28.89
CA LYS G 142 6.73 -10.02 -28.17
C LYS G 142 7.03 -11.26 -29.00
N ARG G 143 6.65 -11.25 -30.28
CA ARG G 143 6.90 -12.39 -31.16
C ARG G 143 8.38 -12.72 -31.22
N ILE G 144 9.24 -11.70 -31.34
CA ILE G 144 10.66 -11.96 -31.45
C ILE G 144 11.21 -12.51 -30.15
N VAL G 145 10.77 -11.97 -29.01
CA VAL G 145 11.27 -12.45 -27.74
C VAL G 145 10.84 -13.90 -27.49
N GLU G 146 9.59 -14.23 -27.81
CA GLU G 146 9.13 -15.59 -27.56
C GLU G 146 9.76 -16.57 -28.52
N TYR G 147 10.05 -16.13 -29.75
CA TYR G 147 10.76 -16.99 -30.70
C TYR G 147 12.18 -17.25 -30.22
N TYR G 148 12.89 -16.22 -29.76
CA TYR G 148 14.24 -16.44 -29.26
C TYR G 148 14.25 -17.38 -28.05
N LYS G 149 13.30 -17.20 -27.12
CA LYS G 149 13.19 -18.12 -26.00
C LYS G 149 12.94 -19.54 -26.47
N SER G 150 12.13 -19.70 -27.52
CA SER G 150 11.80 -21.03 -28.00
C SER G 150 13.03 -21.74 -28.56
N LEU G 151 14.03 -20.98 -29.02
CA LEU G 151 15.25 -21.56 -29.56
C LEU G 151 16.27 -21.91 -28.49
N GLY G 152 16.09 -21.41 -27.27
CA GLY G 152 17.02 -21.65 -26.18
C GLY G 152 17.81 -20.43 -25.74
N PHE G 153 17.72 -19.31 -26.47
CA PHE G 153 18.39 -18.09 -26.03
C PHE G 153 17.81 -17.61 -24.72
N GLN G 154 18.65 -16.96 -23.91
CA GLN G 154 18.12 -16.13 -22.83
C GLN G 154 17.74 -14.76 -23.38
N THR G 155 16.82 -14.09 -22.67
CA THR G 155 16.34 -12.78 -23.11
C THR G 155 16.29 -11.81 -21.94
N ALA G 156 16.52 -10.55 -22.24
CA ALA G 156 16.42 -9.50 -21.22
C ALA G 156 15.81 -8.24 -21.79
N ILE G 157 15.07 -7.53 -20.94
CA ILE G 157 14.71 -6.14 -21.18
C ILE G 157 15.88 -5.28 -20.73
N ASP G 158 16.43 -4.48 -21.64
CA ASP G 158 17.67 -3.76 -21.38
C ASP G 158 17.45 -2.50 -20.55
N ASP G 159 16.36 -1.78 -20.79
CA ASP G 159 16.38 -0.44 -20.25
C ASP G 159 15.17 -0.20 -19.35
N PHE G 160 15.00 -1.01 -18.33
CA PHE G 160 13.84 -0.80 -17.46
C PHE G 160 14.06 0.42 -16.58
N GLY G 161 13.12 1.35 -16.61
CA GLY G 161 13.25 2.58 -15.84
C GLY G 161 13.82 3.75 -16.58
N SER G 162 14.07 3.63 -17.88
CA SER G 162 14.48 4.77 -18.70
C SER G 162 13.88 4.60 -20.09
N GLY G 163 13.97 5.66 -20.89
CA GLY G 163 13.57 5.54 -22.28
C GLY G 163 12.10 5.22 -22.43
N TYR G 164 11.78 4.09 -23.06
CA TYR G 164 10.39 3.74 -23.28
C TYR G 164 9.86 2.93 -22.09
N SER G 165 8.53 2.83 -21.99
CA SER G 165 7.92 2.21 -20.82
C SER G 165 8.21 0.71 -20.76
N GLY G 166 8.97 0.29 -19.74
CA GLY G 166 9.21 -1.13 -19.53
C GLY G 166 7.98 -1.88 -19.07
N LEU G 167 7.12 -1.24 -18.27
CA LEU G 167 5.91 -1.93 -17.82
C LEU G 167 4.99 -2.25 -18.99
N ASN G 168 4.96 -1.38 -20.00
CA ASN G 168 4.20 -1.66 -21.21
C ASN G 168 4.65 -2.99 -21.83
N LEU G 169 5.95 -3.26 -21.77
CA LEU G 169 6.47 -4.53 -22.28
C LEU G 169 6.08 -5.68 -21.36
N LEU G 170 6.38 -5.53 -20.06
CA LEU G 170 6.20 -6.63 -19.12
C LEU G 170 4.75 -7.06 -19.01
N ALA G 171 3.80 -6.15 -19.29
CA ALA G 171 2.39 -6.49 -19.21
C ALA G 171 2.01 -7.59 -20.18
N ASP G 172 2.75 -7.77 -21.28
CA ASP G 172 2.34 -8.70 -22.32
C ASP G 172 3.35 -9.80 -22.61
N PHE G 173 4.57 -9.72 -22.10
CA PHE G 173 5.51 -10.84 -22.18
C PHE G 173 6.60 -10.63 -21.15
N GLN G 174 7.27 -11.72 -20.79
CA GLN G 174 8.27 -11.64 -19.74
C GLN G 174 9.57 -12.24 -20.26
N THR G 175 10.65 -11.50 -20.11
CA THR G 175 11.97 -12.01 -20.43
C THR G 175 12.50 -12.79 -19.24
N ASN G 176 13.64 -13.48 -19.44
CA ASN G 176 14.29 -14.13 -18.32
C ASN G 176 14.80 -13.13 -17.31
N ILE G 177 15.35 -12.03 -17.79
CA ILE G 177 16.01 -11.02 -16.97
C ILE G 177 15.43 -9.66 -17.33
N VAL G 178 15.35 -8.78 -16.34
CA VAL G 178 15.07 -7.36 -16.59
C VAL G 178 16.26 -6.58 -16.04
N LYS G 179 16.91 -5.80 -16.91
CA LYS G 179 18.02 -4.96 -16.51
C LYS G 179 17.47 -3.61 -16.10
N VAL G 180 17.80 -3.18 -14.88
CA VAL G 180 17.29 -1.92 -14.33
C VAL G 180 18.27 -0.80 -14.65
N ASP G 181 17.78 0.24 -15.32
CA ASP G 181 18.61 1.36 -15.72
C ASP G 181 19.31 1.98 -14.52
N MET G 182 20.55 2.43 -14.76
CA MET G 182 21.35 2.98 -13.67
C MET G 182 20.72 4.23 -13.06
N GLY G 183 19.87 4.93 -13.83
CA GLY G 183 19.19 6.08 -13.27
C GLY G 183 18.40 5.76 -12.02
N LEU G 184 17.83 4.55 -11.95
CA LEU G 184 17.05 4.15 -10.78
C LEU G 184 17.93 3.64 -9.65
N ILE G 185 19.17 3.29 -9.98
CA ILE G 185 20.15 2.70 -9.08
C ILE G 185 20.99 3.77 -8.37
N ARG G 186 21.19 4.91 -9.02
CA ARG G 186 22.19 5.87 -8.56
C ARG G 186 21.85 6.42 -7.17
N ASN G 187 22.79 6.27 -6.26
CA ASN G 187 22.65 6.74 -4.88
C ASN G 187 21.45 6.12 -4.16
N ILE G 188 21.08 4.89 -4.53
CA ILE G 188 19.84 4.32 -3.99
C ILE G 188 19.94 4.12 -2.49
N HIS G 189 21.15 3.95 -1.96
CA HIS G 189 21.34 3.76 -0.53
C HIS G 189 20.86 4.95 0.29
N ALA G 190 20.66 6.11 -0.35
CA ALA G 190 20.27 7.30 0.40
C ALA G 190 19.11 8.04 -0.26
N ASP G 191 18.42 7.43 -1.21
CA ASP G 191 17.35 8.09 -1.96
C ASP G 191 16.07 7.34 -1.66
N GLN G 192 15.22 7.92 -0.79
CA GLN G 192 14.06 7.18 -0.33
C GLN G 192 13.09 6.87 -1.46
N VAL G 193 12.98 7.77 -2.44
CA VAL G 193 12.04 7.51 -3.55
C VAL G 193 12.54 6.36 -4.40
N ARG G 194 13.83 6.35 -4.71
CA ARG G 194 14.38 5.24 -5.48
C ARG G 194 14.32 3.93 -4.71
N GLN G 195 14.49 3.99 -3.38
CA GLN G 195 14.32 2.78 -2.57
C GLN G 195 12.90 2.22 -2.70
N SER G 196 11.88 3.09 -2.63
CA SER G 196 10.50 2.64 -2.78
C SER G 196 10.26 2.06 -4.16
N ILE G 197 10.76 2.72 -5.21
CA ILE G 197 10.57 2.21 -6.58
C ILE G 197 11.19 0.82 -6.72
N MET G 198 12.41 0.65 -6.20
CA MET G 198 13.07 -0.64 -6.40
C MET G 198 12.47 -1.73 -5.51
N LYS G 199 12.10 -1.40 -4.28
CA LYS G 199 11.45 -2.41 -3.44
C LYS G 199 10.19 -2.94 -4.09
N ASN G 200 9.36 -2.04 -4.62
CA ASN G 200 8.13 -2.48 -5.25
C ASN G 200 8.38 -3.12 -6.62
N CYS G 201 9.37 -2.66 -7.38
CA CYS G 201 9.67 -3.33 -8.64
C CYS G 201 10.30 -4.71 -8.41
N LEU G 202 11.12 -4.86 -7.36
CA LEU G 202 11.70 -6.17 -7.10
C LEU G 202 10.63 -7.18 -6.73
N LYS G 203 9.63 -6.77 -5.93
CA LYS G 203 8.49 -7.66 -5.65
C LYS G 203 7.75 -8.01 -6.92
N LEU G 204 7.52 -7.02 -7.80
CA LEU G 204 6.92 -7.28 -9.10
C LEU G 204 7.70 -8.36 -9.87
N PHE G 205 9.02 -8.18 -9.99
CA PHE G 205 9.83 -9.12 -10.76
C PHE G 205 9.73 -10.53 -10.19
N SER G 206 9.74 -10.64 -8.86
CA SER G 206 9.60 -11.95 -8.24
C SER G 206 8.22 -12.54 -8.51
N ASP G 207 7.16 -11.72 -8.45
CA ASP G 207 5.83 -12.21 -8.80
C ASP G 207 5.78 -12.72 -10.24
N LEU G 208 6.57 -12.13 -11.14
CA LEU G 208 6.54 -12.52 -12.54
C LEU G 208 7.60 -13.56 -12.88
N ASN G 209 8.35 -14.04 -11.89
CA ASN G 209 9.45 -14.98 -12.10
C ASN G 209 10.49 -14.43 -13.08
N ILE G 210 10.85 -13.16 -12.90
CA ILE G 210 11.88 -12.51 -13.70
C ILE G 210 13.06 -12.18 -12.80
N GLN G 211 14.28 -12.43 -13.29
CA GLN G 211 15.47 -12.18 -12.50
C GLN G 211 15.95 -10.76 -12.74
N PRO G 212 16.08 -9.93 -11.71
CA PRO G 212 16.53 -8.56 -11.92
C PRO G 212 18.04 -8.47 -12.02
N LEU G 213 18.49 -7.42 -12.71
CA LEU G 213 19.90 -7.12 -12.85
C LEU G 213 20.08 -5.61 -12.75
N ALA G 214 20.85 -5.14 -11.75
CA ALA G 214 21.04 -3.71 -11.58
C ALA G 214 22.22 -3.23 -12.42
N GLU G 215 21.98 -2.25 -13.29
CA GLU G 215 23.01 -1.66 -14.12
C GLU G 215 23.63 -0.43 -13.47
N GLY G 216 24.84 -0.11 -13.90
CA GLY G 216 25.46 1.15 -13.55
C GLY G 216 25.83 1.30 -12.09
N VAL G 217 26.09 0.19 -11.40
CA VAL G 217 26.54 0.28 -10.01
C VAL G 217 27.94 0.91 -9.99
N GLU G 218 28.08 2.02 -9.26
CA GLU G 218 29.34 2.75 -9.23
C GLU G 218 29.98 2.82 -7.85
N SER G 219 29.31 2.40 -6.79
CA SER G 219 29.89 2.54 -5.46
C SER G 219 29.50 1.34 -4.61
N HIS G 220 30.36 1.05 -3.62
CA HIS G 220 30.01 0.02 -2.64
C HIS G 220 28.66 0.31 -1.96
N ALA G 221 28.39 1.57 -1.64
CA ALA G 221 27.14 1.89 -0.94
C ALA G 221 25.93 1.47 -1.75
N GLU G 222 25.94 1.71 -3.06
CA GLU G 222 24.86 1.23 -3.92
C GLU G 222 24.79 -0.29 -3.91
N PHE G 223 25.95 -0.93 -4.11
CA PHE G 223 26.01 -2.39 -4.15
C PHE G 223 25.44 -2.98 -2.88
N ALA G 224 25.81 -2.42 -1.73
CA ALA G 224 25.40 -3.02 -0.46
C ALA G 224 23.90 -2.92 -0.27
N TRP G 225 23.30 -1.78 -0.65
CA TRP G 225 21.85 -1.65 -0.53
C TRP G 225 21.14 -2.62 -1.46
N LEU G 226 21.57 -2.68 -2.72
CA LEU G 226 20.96 -3.60 -3.69
C LEU G 226 21.07 -5.05 -3.23
N LYS G 227 22.23 -5.43 -2.68
CA LYS G 227 22.42 -6.79 -2.20
C LYS G 227 21.48 -7.09 -1.05
N ALA G 228 21.38 -6.15 -0.10
CA ALA G 228 20.46 -6.34 1.02
C ALA G 228 19.01 -6.37 0.55
N ALA G 229 18.71 -5.72 -0.58
CA ALA G 229 17.35 -5.68 -1.08
C ALA G 229 16.97 -6.92 -1.86
N GLY G 230 17.92 -7.82 -2.10
CA GLY G 230 17.63 -9.07 -2.78
C GLY G 230 18.19 -9.18 -4.18
N VAL G 231 18.84 -8.15 -4.70
CA VAL G 231 19.41 -8.22 -6.04
C VAL G 231 20.66 -9.08 -6.03
N GLU G 232 20.78 -9.98 -7.00
CA GLU G 232 21.94 -10.85 -7.14
C GLU G 232 22.83 -10.44 -8.30
N LEU G 233 22.24 -10.26 -9.48
CA LEU G 233 22.99 -9.88 -10.67
C LEU G 233 23.19 -8.38 -10.72
N MET G 234 24.44 -7.94 -10.93
CA MET G 234 24.75 -6.52 -11.03
C MET G 234 25.84 -6.29 -12.07
N GLN G 235 25.96 -5.03 -12.46
CA GLN G 235 26.88 -4.62 -13.51
C GLN G 235 27.24 -3.17 -13.23
N GLY G 236 28.45 -2.78 -13.59
CA GLY G 236 28.79 -1.37 -13.44
C GLY G 236 30.27 -1.17 -13.19
N TYR G 237 30.67 0.10 -13.29
CA TYR G 237 32.06 0.50 -13.11
C TYR G 237 32.61 0.09 -11.75
N TYR G 238 31.74 -0.01 -10.73
CA TYR G 238 32.21 -0.48 -9.43
C TYR G 238 32.85 -1.85 -9.54
N PHE G 239 32.31 -2.71 -10.39
CA PHE G 239 32.86 -4.05 -10.58
C PHE G 239 33.96 -4.05 -11.62
N ALA G 240 33.68 -3.49 -12.80
CA ALA G 240 34.69 -3.38 -13.85
C ALA G 240 34.14 -2.55 -14.99
N LYS G 241 34.99 -1.70 -15.56
CA LYS G 241 34.68 -1.03 -16.81
C LYS G 241 34.81 -2.02 -17.97
N PRO G 242 34.21 -1.69 -19.12
CA PRO G 242 34.39 -2.55 -20.31
C PRO G 242 35.85 -2.70 -20.70
N GLY G 243 36.21 -3.90 -21.14
CA GLY G 243 37.55 -4.16 -21.62
C GLY G 243 37.61 -4.35 -23.11
N PHE G 244 38.39 -3.51 -23.79
CA PHE G 244 38.53 -3.60 -25.23
C PHE G 244 39.12 -4.95 -25.64
N GLU G 245 38.34 -5.75 -26.36
CA GLU G 245 38.78 -7.04 -26.87
C GLU G 245 39.37 -7.89 -25.75
N SER G 246 38.73 -7.85 -24.58
CA SER G 246 39.25 -8.59 -23.44
C SER G 246 38.10 -8.86 -22.47
N LEU G 247 38.34 -9.77 -21.54
CA LEU G 247 37.37 -10.07 -20.49
C LEU G 247 37.88 -9.52 -19.17
N PRO G 248 37.44 -8.34 -18.75
CA PRO G 248 37.99 -7.75 -17.53
C PRO G 248 37.77 -8.63 -16.32
N SER G 249 38.75 -8.61 -15.41
CA SER G 249 38.56 -9.19 -14.09
C SER G 249 37.74 -8.23 -13.22
N VAL G 250 37.13 -8.78 -12.19
CA VAL G 250 36.22 -8.01 -11.34
C VAL G 250 36.94 -7.55 -10.09
N ASN G 251 36.67 -6.31 -9.68
CA ASN G 251 37.10 -5.74 -8.41
C ASN G 251 36.93 -6.76 -7.29
N PRO G 252 38.00 -7.09 -6.57
CA PRO G 252 37.88 -8.06 -5.46
C PRO G 252 37.10 -7.52 -4.26
N GLU G 253 36.77 -6.22 -4.24
CA GLU G 253 36.23 -5.61 -3.02
C GLU G 253 34.81 -6.09 -2.72
N PHE G 254 34.02 -6.43 -3.74
CA PHE G 254 32.70 -6.97 -3.48
C PHE G 254 32.76 -8.42 -3.01
N SER G 255 33.86 -9.12 -3.26
CA SER G 255 34.10 -10.43 -2.67
C SER G 255 34.69 -10.33 -1.28
N GLU G 256 35.31 -9.20 -0.94
CA GLU G 256 35.78 -8.94 0.42
C GLU G 256 34.73 -8.16 1.18
N ALA G 257 35.07 -6.95 1.62
CA ALA G 257 34.16 -6.04 2.31
C ALA G 257 33.47 -6.69 3.52
CA CA I . -3.19 8.92 -20.24
CA CA J . -4.87 12.86 -20.80
CA CA K . 4.58 6.75 -20.18
CA CA L . -1.21 11.40 -23.37
CA CA M . -7.01 -15.31 14.84
CA CA N . -4.77 -18.85 15.79
CA CA O . -6.95 -8.17 18.89
CA CA P . -6.46 -16.42 19.04
CA CA Q . -13.12 9.47 28.01
CA CA R . -10.06 7.54 25.63
CA CA S . -9.95 0.13 22.38
CA CA T . -12.11 5.05 28.70
CA CA U . 20.26 -0.99 -20.09
CA CA V . 22.60 -3.28 -22.87
CA CA W . 12.58 1.45 -21.05
CA CA X . 19.99 0.03 -24.19
#